data_6J6Y
#
_entry.id   6J6Y
#
_cell.length_a   104.218
_cell.length_b   119.165
_cell.length_c   105.099
_cell.angle_alpha   90.000
_cell.angle_beta   97.290
_cell.angle_gamma   90.000
#
_symmetry.space_group_name_H-M   'C 1 2 1'
#
loop_
_entity.id
_entity.type
_entity.pdbx_description
1 polymer 'Fibroblast growth factor receptor 4'
2 polymer 'Fab Heavy chain'
3 polymer 'Fab light chain'
4 water water
#
loop_
_entity_poly.entity_id
_entity_poly.type
_entity_poly.pdbx_seq_one_letter_code
_entity_poly.pdbx_strand_id
1 'polypeptide(L)'
;SYPQQAPYWTHPQRMEKKLHAVPAGNTVKFRCPAAGNPTPTIRWLKDGQAFHGENRIGGIRLRHQHWSLVMESVVPSDRG
TYTCLVENAVGSIRYNYLLDVLER
;
A,D
2 'polypeptide(L)'
;KLAATMKHLWFFLLLVAAPRWVLSEVQLLESGGGLVQPGGSLRLSCAASGFTFSDYYMSWIRQAPGKGLEWVSTISGSGG
STYYADSVKGRFTISRDNSKNTLYLQMNSLRAEDTAVYYCARLTAYGHVDSWGQGTLVTVSSASTKGPSVFPLAPSSKST
SGGTAALGCLVKDYFPEPVTVSWNSGALTSGVHTFPAVLQSSGLYSLSSVVTVPSSSLGTQTYICNVNHKPSNTKVDKRV
EPKSCDKTH
;
B,E
3 'polypeptide(L)'
;KLAATMVLQTQVFISLLLWISGAYGQSVLTQPPSASGTPGQRVTISCSGSSSNIGTNTVNWYQQLPGTAPKLLIYRNYQR
PSGVPDRFSGSKSGTSASLAISGLRSEDEADYYCAAWDDSLSGPHVVFGGGTKLTVLGQPKAAPSVTLFPPSSEELQANK
ATLVCLISDFYPGAVTVAWKADSSPVKAGVETTTPSKQSNNKYAASSYLSLTPEQWKSHRSYSCQVTHEGSTVEKTVAPT
ECS
;
C,F
#
# COMPACT_ATOMS: atom_id res chain seq x y z
N PRO A 3 -42.36 24.14 39.47
CA PRO A 3 -41.17 23.94 38.63
C PRO A 3 -41.36 24.52 37.22
N GLN A 4 -40.67 25.61 36.93
CA GLN A 4 -40.64 26.14 35.57
C GLN A 4 -39.53 25.41 34.82
N GLN A 5 -39.40 25.61 33.51
CA GLN A 5 -38.43 24.87 32.73
C GLN A 5 -37.67 25.81 31.79
N ALA A 6 -36.34 25.78 31.89
CA ALA A 6 -35.46 26.53 30.97
C ALA A 6 -35.81 26.20 29.52
N PRO A 7 -35.44 27.07 28.56
CA PRO A 7 -35.83 26.83 27.17
C PRO A 7 -35.05 25.63 26.57
N TYR A 8 -35.72 24.87 25.72
CA TYR A 8 -35.04 23.79 24.99
C TYR A 8 -35.58 23.77 23.55
N TRP A 9 -34.76 23.29 22.62
CA TRP A 9 -35.16 23.13 21.22
C TRP A 9 -36.17 21.99 21.09
N THR A 10 -37.22 22.19 20.34
CA THR A 10 -38.25 21.16 20.22
C THR A 10 -38.04 20.34 18.94
N HIS A 11 -37.37 20.88 17.92
CA HIS A 11 -37.12 20.15 16.66
C HIS A 11 -35.63 20.22 16.28
N PRO A 12 -34.76 19.61 17.11
CA PRO A 12 -33.31 19.78 16.85
C PRO A 12 -32.90 19.33 15.43
N GLN A 13 -33.56 18.27 14.95
CA GLN A 13 -33.30 17.62 13.68
C GLN A 13 -33.51 18.65 12.56
N ARG A 14 -34.48 19.52 12.76
CA ARG A 14 -34.77 20.58 11.78
C ARG A 14 -33.71 21.67 11.79
N MET A 15 -32.74 21.68 12.71
CA MET A 15 -31.76 22.80 12.81
C MET A 15 -30.39 22.42 12.22
N GLU A 16 -30.24 21.21 11.70
CA GLU A 16 -28.92 20.59 11.45
C GLU A 16 -28.19 21.24 10.26
N LYS A 17 -28.96 21.79 9.33
CA LYS A 17 -28.44 22.44 8.15
C LYS A 17 -28.00 23.85 8.56
N LYS A 18 -26.80 23.92 9.14
CA LYS A 18 -26.31 25.13 9.77
C LYS A 18 -25.86 26.12 8.69
N LEU A 19 -25.22 25.63 7.62
CA LEU A 19 -24.67 26.52 6.59
C LEU A 19 -25.65 26.58 5.42
N HIS A 20 -26.04 27.80 5.07
CA HIS A 20 -27.02 28.04 4.05
C HIS A 20 -26.36 28.83 2.92
N ALA A 21 -26.17 28.19 1.77
CA ALA A 21 -25.65 28.89 0.62
C ALA A 21 -26.78 29.07 -0.39
N VAL A 22 -27.29 30.30 -0.49
CA VAL A 22 -28.56 30.59 -1.17
C VAL A 22 -28.31 31.43 -2.43
N PRO A 23 -28.93 31.01 -3.55
CA PRO A 23 -28.91 31.81 -4.79
C PRO A 23 -29.64 33.15 -4.60
N ALA A 24 -28.99 34.26 -4.97
CA ALA A 24 -29.60 35.60 -4.91
C ALA A 24 -31.03 35.51 -5.47
N GLY A 25 -31.98 36.11 -4.75
CA GLY A 25 -33.38 36.10 -5.20
C GLY A 25 -34.25 35.09 -4.47
N ASN A 26 -33.66 34.04 -3.90
CA ASN A 26 -34.46 33.00 -3.21
C ASN A 26 -34.85 33.46 -1.80
N THR A 27 -35.76 32.74 -1.17
CA THR A 27 -36.15 33.01 0.20
C THR A 27 -35.31 32.12 1.09
N VAL A 28 -34.78 32.67 2.18
CA VAL A 28 -34.19 31.82 3.19
C VAL A 28 -35.09 31.89 4.42
N LYS A 29 -35.29 30.73 5.04
CA LYS A 29 -36.07 30.63 6.26
C LYS A 29 -35.20 29.96 7.32
N PHE A 30 -34.98 30.63 8.45
CA PHE A 30 -34.20 30.06 9.55
C PHE A 30 -35.13 29.78 10.73
N ARG A 31 -35.08 28.57 11.28
CA ARG A 31 -36.05 28.25 12.36
C ARG A 31 -35.35 27.83 13.66
N CYS A 32 -35.85 28.32 14.78
CA CYS A 32 -35.34 27.84 16.06
C CYS A 32 -36.50 27.51 17.00
N PRO A 33 -37.26 26.44 16.71
CA PRO A 33 -38.44 26.06 17.53
C PRO A 33 -38.01 25.77 18.98
N ALA A 34 -38.61 26.44 19.97
CA ALA A 34 -38.22 26.13 21.37
C ALA A 34 -39.46 25.91 22.25
N ALA A 35 -39.23 25.41 23.45
CA ALA A 35 -40.26 25.38 24.46
C ALA A 35 -39.63 25.72 25.81
N GLY A 36 -40.47 26.14 26.74
CA GLY A 36 -40.00 26.49 28.07
C GLY A 36 -41.17 27.01 28.88
N ASN A 37 -40.93 27.21 30.19
CA ASN A 37 -41.95 27.77 31.06
C ASN A 37 -41.31 28.76 32.04
N PRO A 38 -41.68 30.03 31.96
CA PRO A 38 -42.69 30.56 31.01
C PRO A 38 -42.31 30.43 29.51
N THR A 39 -43.29 30.58 28.63
CA THR A 39 -43.03 30.54 27.20
C THR A 39 -41.88 31.51 26.89
N PRO A 40 -40.79 30.99 26.26
CA PRO A 40 -39.64 31.81 25.95
C PRO A 40 -39.98 32.88 24.92
N THR A 41 -39.17 33.95 24.93
CA THR A 41 -39.16 34.93 23.86
C THR A 41 -38.02 34.60 22.90
N ILE A 42 -38.17 35.00 21.65
CA ILE A 42 -37.12 34.87 20.65
C ILE A 42 -36.77 36.25 20.07
N ARG A 43 -35.47 36.47 19.88
CA ARG A 43 -35.02 37.64 19.13
C ARG A 43 -33.80 37.20 18.32
N TRP A 44 -33.52 37.95 17.25
CA TRP A 44 -32.46 37.58 16.32
C TRP A 44 -31.32 38.60 16.38
N LEU A 45 -30.09 38.11 16.19
CA LEU A 45 -28.91 38.95 15.96
C LEU A 45 -28.39 38.69 14.55
N LYS A 46 -27.83 39.73 13.93
CA LYS A 46 -27.06 39.57 12.72
C LYS A 46 -25.64 40.12 12.96
N ASP A 47 -24.64 39.28 12.73
CA ASP A 47 -23.27 39.64 13.07
C ASP A 47 -23.13 40.17 14.49
N GLY A 48 -23.81 39.51 15.44
CA GLY A 48 -23.81 39.88 16.86
C GLY A 48 -24.68 41.10 17.17
N GLN A 49 -25.33 41.71 16.18
CA GLN A 49 -26.08 42.93 16.50
C GLN A 49 -27.60 42.64 16.41
N ALA A 50 -28.37 43.23 17.33
CA ALA A 50 -29.83 43.16 17.26
C ALA A 50 -30.25 43.40 15.81
N PHE A 51 -31.13 42.57 15.31
CA PHE A 51 -31.51 42.60 13.91
C PHE A 51 -33.04 42.71 13.77
N HIS A 52 -33.52 43.73 13.08
CA HIS A 52 -34.97 43.92 12.94
C HIS A 52 -35.33 43.97 11.46
N GLY A 53 -34.32 44.26 10.64
CA GLY A 53 -34.52 44.21 9.20
C GLY A 53 -35.00 45.56 8.69
N GLU A 54 -34.87 46.59 9.53
CA GLU A 54 -35.15 47.97 9.16
C GLU A 54 -34.22 48.39 8.03
N ASN A 55 -33.05 47.74 7.94
CA ASN A 55 -32.03 48.18 6.99
C ASN A 55 -31.92 47.19 5.82
N ARG A 56 -32.77 46.17 5.76
CA ARG A 56 -32.72 45.34 4.56
C ARG A 56 -33.91 45.65 3.66
N ILE A 57 -33.65 45.60 2.35
CA ILE A 57 -34.69 45.75 1.35
C ILE A 57 -35.75 44.66 1.55
N GLY A 58 -36.97 45.09 1.86
CA GLY A 58 -38.10 44.20 1.95
C GLY A 58 -38.38 43.77 3.38
N GLY A 59 -37.57 44.24 4.32
CA GLY A 59 -37.68 43.80 5.71
C GLY A 59 -37.62 42.28 5.87
N ILE A 60 -38.08 41.79 7.03
CA ILE A 60 -38.12 40.36 7.34
C ILE A 60 -39.56 39.99 7.74
N ARG A 61 -39.88 38.71 7.62
CA ARG A 61 -41.00 38.19 8.38
C ARG A 61 -40.45 37.59 9.67
N LEU A 62 -41.01 38.04 10.80
CA LEU A 62 -40.83 37.36 12.11
C LEU A 62 -42.08 36.54 12.45
N ARG A 63 -41.90 35.41 13.12
CA ARG A 63 -43.03 34.60 13.61
C ARG A 63 -42.62 33.91 14.92
N HIS A 64 -43.09 34.46 16.04
CA HIS A 64 -43.00 33.78 17.35
C HIS A 64 -43.80 32.47 17.27
N GLN A 65 -44.81 32.44 16.41
CA GLN A 65 -45.66 31.28 16.16
C GLN A 65 -44.84 30.12 15.58
N HIS A 66 -43.92 30.45 14.68
CA HIS A 66 -43.13 29.45 13.96
C HIS A 66 -41.67 29.45 14.44
N TRP A 67 -41.30 30.44 15.28
CA TRP A 67 -39.94 30.65 15.83
C TRP A 67 -38.94 30.83 14.67
N SER A 68 -39.34 31.60 13.68
CA SER A 68 -38.60 31.58 12.45
C SER A 68 -38.25 33.00 12.03
N LEU A 69 -37.15 33.14 11.28
CA LEU A 69 -36.82 34.39 10.58
C LEU A 69 -36.92 34.09 9.09
N VAL A 70 -37.63 34.94 8.35
CA VAL A 70 -37.81 34.67 6.93
C VAL A 70 -37.38 35.91 6.15
N MET A 71 -36.49 35.70 5.18
CA MET A 71 -36.02 36.77 4.34
C MET A 71 -36.26 36.38 2.89
N GLU A 72 -37.02 37.20 2.17
CA GLU A 72 -37.32 36.99 0.74
C GLU A 72 -36.28 37.76 -0.09
N SER A 73 -36.07 37.31 -1.34
CA SER A 73 -35.14 37.93 -2.29
C SER A 73 -33.79 38.22 -1.62
N VAL A 74 -33.07 37.20 -1.21
CA VAL A 74 -31.80 37.48 -0.54
C VAL A 74 -30.86 38.19 -1.53
N VAL A 75 -30.09 39.14 -1.00
CA VAL A 75 -29.11 39.88 -1.78
C VAL A 75 -27.77 39.77 -1.05
N PRO A 76 -26.67 40.09 -1.75
CA PRO A 76 -25.34 40.00 -1.13
C PRO A 76 -25.21 40.61 0.28
N SER A 77 -25.86 41.71 0.58
CA SER A 77 -25.64 42.39 1.86
C SER A 77 -26.30 41.60 3.00
N ASP A 78 -27.06 40.58 2.64
CA ASP A 78 -27.69 39.68 3.60
C ASP A 78 -26.72 38.62 4.12
N ARG A 79 -25.54 38.49 3.48
CA ARG A 79 -24.51 37.54 3.94
C ARG A 79 -24.14 37.81 5.40
N GLY A 80 -23.98 36.76 6.20
CA GLY A 80 -23.61 36.96 7.59
C GLY A 80 -24.03 35.79 8.45
N THR A 81 -23.90 36.01 9.75
CA THR A 81 -24.23 35.08 10.79
C THR A 81 -25.50 35.58 11.48
N TYR A 82 -26.46 34.66 11.59
CA TYR A 82 -27.75 34.91 12.20
C TYR A 82 -27.90 34.05 13.45
N THR A 83 -28.09 34.74 14.57
CA THR A 83 -28.21 34.09 15.86
C THR A 83 -29.64 34.23 16.36
N CYS A 84 -30.23 33.10 16.75
CA CYS A 84 -31.51 33.20 17.46
C CYS A 84 -31.22 33.06 18.97
N LEU A 85 -31.67 34.05 19.75
CA LEU A 85 -31.61 34.01 21.23
C LEU A 85 -32.98 33.64 21.77
N VAL A 86 -33.06 32.49 22.40
CA VAL A 86 -34.27 32.08 23.06
C VAL A 86 -34.03 32.20 24.57
N GLU A 87 -34.92 32.93 25.24
CA GLU A 87 -34.76 33.21 26.69
C GLU A 87 -36.09 33.09 27.45
N ASN A 88 -36.01 32.71 28.73
CA ASN A 88 -37.07 32.99 29.69
C ASN A 88 -36.44 33.29 31.06
N ALA A 89 -37.27 33.43 32.08
CA ALA A 89 -36.73 33.79 33.38
C ALA A 89 -35.69 32.75 33.81
N VAL A 90 -35.82 31.51 33.34
CA VAL A 90 -35.13 30.37 33.94
C VAL A 90 -33.75 30.22 33.27
N GLY A 91 -33.71 30.50 31.97
CA GLY A 91 -32.53 30.11 31.20
C GLY A 91 -32.53 30.69 29.80
N SER A 92 -31.48 30.32 29.05
CA SER A 92 -31.07 31.01 27.85
C SER A 92 -30.45 30.00 26.87
N ILE A 93 -30.88 30.01 25.60
CA ILE A 93 -30.21 29.16 24.56
C ILE A 93 -30.06 29.95 23.24
N ARG A 94 -29.04 29.58 22.46
CA ARG A 94 -28.74 30.35 21.25
C ARG A 94 -28.20 29.40 20.18
N TYR A 95 -28.40 29.75 18.92
CA TYR A 95 -27.89 28.98 17.81
C TYR A 95 -27.55 29.92 16.65
N ASN A 96 -26.56 29.49 15.84
CA ASN A 96 -26.14 30.29 14.71
C ASN A 96 -26.40 29.53 13.42
N TYR A 97 -26.97 30.25 12.46
CA TYR A 97 -27.02 29.84 11.08
C TYR A 97 -26.06 30.72 10.27
N LEU A 98 -25.31 30.13 9.36
CA LEU A 98 -24.36 30.87 8.52
C LEU A 98 -25.00 31.09 7.14
N LEU A 99 -24.97 32.33 6.64
CA LEU A 99 -25.69 32.62 5.40
C LEU A 99 -24.73 33.17 4.34
N ASP A 100 -24.84 32.54 3.18
CA ASP A 100 -24.17 33.00 2.02
C ASP A 100 -25.14 33.17 0.88
N VAL A 101 -24.80 34.10 0.02
CA VAL A 101 -25.65 34.41 -1.08
C VAL A 101 -24.81 34.32 -2.34
N LEU A 102 -25.27 33.50 -3.28
CA LEU A 102 -24.50 33.08 -4.46
C LEU A 102 -24.91 33.91 -5.70
N GLU A 103 -23.91 34.58 -6.28
CA GLU A 103 -24.02 35.36 -7.53
C GLU A 103 -24.68 34.52 -8.63
N GLU B 25 -14.58 13.66 -9.51
CA GLU B 25 -13.55 13.55 -8.47
C GLU B 25 -13.25 14.94 -7.92
N VAL B 26 -13.42 15.10 -6.61
CA VAL B 26 -13.02 16.31 -5.92
C VAL B 26 -11.51 16.26 -5.71
N GLN B 27 -10.86 17.40 -5.92
CA GLN B 27 -9.43 17.53 -5.76
C GLN B 27 -9.15 18.83 -5.00
N LEU B 28 -8.39 18.72 -3.92
CA LEU B 28 -7.93 19.88 -3.15
C LEU B 28 -6.40 19.79 -3.02
N LEU B 29 -5.69 20.71 -3.66
CA LEU B 29 -4.24 20.67 -3.78
C LEU B 29 -3.61 21.87 -3.07
N GLU B 30 -3.07 21.62 -1.88
CA GLU B 30 -2.36 22.63 -1.12
C GLU B 30 -1.02 22.94 -1.76
N SER B 31 -0.58 24.19 -1.69
CA SER B 31 0.82 24.58 -1.92
C SER B 31 1.20 25.67 -0.90
N GLY B 32 2.49 25.89 -0.74
CA GLY B 32 2.99 27.11 -0.15
C GLY B 32 3.66 26.90 1.19
N GLY B 33 3.50 25.71 1.77
CA GLY B 33 4.11 25.52 3.09
C GLY B 33 5.62 25.54 3.01
N GLY B 34 6.29 25.79 4.13
CA GLY B 34 7.73 25.68 4.17
C GLY B 34 8.27 26.17 5.50
N LEU B 35 9.56 26.51 5.51
CA LEU B 35 10.23 27.06 6.69
C LEU B 35 10.05 28.58 6.71
N VAL B 36 9.85 29.16 7.90
CA VAL B 36 9.73 30.61 8.09
C VAL B 36 10.32 30.96 9.46
N GLN B 37 10.86 32.17 9.59
CA GLN B 37 11.35 32.70 10.87
C GLN B 37 10.14 33.06 11.72
N PRO B 38 10.27 33.02 13.05
CA PRO B 38 9.26 33.67 13.91
C PRO B 38 9.01 35.12 13.47
N GLY B 39 7.74 35.54 13.36
CA GLY B 39 7.48 36.93 12.97
C GLY B 39 7.27 37.08 11.47
N GLY B 40 7.67 36.09 10.69
CA GLY B 40 7.57 36.16 9.23
C GLY B 40 6.17 35.87 8.72
N SER B 41 6.00 35.88 7.40
CA SER B 41 4.71 35.68 6.78
C SER B 41 4.82 34.51 5.81
N LEU B 42 3.68 33.96 5.41
CA LEU B 42 3.58 32.85 4.46
C LEU B 42 2.15 32.80 3.96
N ARG B 43 1.94 32.57 2.68
CA ARG B 43 0.60 32.41 2.12
C ARG B 43 0.42 30.95 1.66
N LEU B 44 -0.57 30.24 2.19
CA LEU B 44 -0.90 28.92 1.66
C LEU B 44 -1.98 29.09 0.59
N SER B 45 -1.96 28.18 -0.37
CA SER B 45 -2.96 28.16 -1.38
C SER B 45 -3.57 26.77 -1.39
N CYS B 46 -4.79 26.68 -1.92
CA CYS B 46 -5.33 25.40 -2.14
C CYS B 46 -6.22 25.46 -3.40
N ALA B 47 -5.86 24.66 -4.40
CA ALA B 47 -6.52 24.68 -5.73
C ALA B 47 -7.59 23.59 -5.77
N ALA B 48 -8.81 23.96 -6.17
CA ALA B 48 -9.96 23.03 -6.08
C ALA B 48 -10.46 22.70 -7.49
N SER B 49 -10.95 21.48 -7.69
CA SER B 49 -11.66 21.12 -8.94
C SER B 49 -12.56 19.91 -8.66
N GLY B 50 -13.44 19.63 -9.63
CA GLY B 50 -14.40 18.52 -9.50
C GLY B 50 -15.72 18.98 -8.89
N PHE B 51 -15.90 20.28 -8.61
CA PHE B 51 -17.12 20.78 -7.93
C PHE B 51 -17.24 22.30 -8.12
N THR B 52 -18.41 22.86 -7.83
CA THR B 52 -18.60 24.31 -7.99
C THR B 52 -18.04 25.02 -6.76
N PHE B 53 -16.86 25.60 -6.90
CA PHE B 53 -16.02 25.99 -5.76
C PHE B 53 -16.71 27.10 -4.95
N SER B 54 -17.16 28.14 -5.65
CA SER B 54 -17.85 29.32 -5.07
C SER B 54 -19.18 28.98 -4.38
N ASP B 55 -19.76 27.80 -4.58
CA ASP B 55 -20.91 27.40 -3.77
C ASP B 55 -20.54 27.00 -2.31
N TYR B 56 -19.30 26.60 -2.06
CA TYR B 56 -19.04 25.89 -0.80
C TYR B 56 -18.29 26.78 0.19
N TYR B 57 -18.65 26.61 1.49
CA TYR B 57 -17.77 27.01 2.64
C TYR B 57 -16.52 26.14 2.66
N MET B 58 -15.37 26.78 2.88
CA MET B 58 -14.09 26.10 2.88
C MET B 58 -13.38 26.45 4.19
N SER B 59 -12.54 25.55 4.69
CA SER B 59 -11.89 25.70 5.99
C SER B 59 -10.39 25.45 5.88
N TRP B 60 -9.64 25.95 6.87
CA TRP B 60 -8.27 25.55 7.15
C TRP B 60 -8.26 24.89 8.52
N ILE B 61 -7.69 23.68 8.58
CA ILE B 61 -7.53 22.93 9.84
C ILE B 61 -6.06 22.53 9.91
N ARG B 62 -5.47 22.62 11.08
CA ARG B 62 -4.06 22.35 11.22
C ARG B 62 -3.85 21.25 12.27
N GLN B 63 -2.71 20.56 12.16
CA GLN B 63 -2.29 19.58 13.12
C GLN B 63 -0.78 19.76 13.34
N ALA B 64 -0.35 20.06 14.56
CA ALA B 64 1.07 19.98 14.91
C ALA B 64 1.48 18.50 14.88
N PRO B 65 2.74 18.20 14.56
CA PRO B 65 3.04 16.75 14.41
C PRO B 65 2.85 16.01 15.74
N GLY B 66 2.17 14.86 15.68
CA GLY B 66 1.86 14.08 16.88
C GLY B 66 0.87 14.77 17.83
N LYS B 67 0.15 15.78 17.35
CA LYS B 67 -0.82 16.46 18.20
C LYS B 67 -2.19 16.39 17.52
N GLY B 68 -3.22 16.98 18.13
CA GLY B 68 -4.59 16.85 17.59
C GLY B 68 -4.92 17.85 16.49
N LEU B 69 -6.07 17.65 15.86
CA LEU B 69 -6.64 18.57 14.89
C LEU B 69 -7.04 19.88 15.58
N GLU B 70 -6.76 21.00 14.92
CA GLU B 70 -7.26 22.28 15.39
C GLU B 70 -7.76 23.11 14.20
N TRP B 71 -9.00 23.57 14.31
CA TRP B 71 -9.60 24.41 13.29
C TRP B 71 -8.95 25.79 13.30
N VAL B 72 -8.67 26.30 12.11
CA VAL B 72 -7.99 27.59 11.99
C VAL B 72 -9.01 28.64 11.56
N SER B 73 -9.74 28.37 10.47
CA SER B 73 -10.50 29.43 9.84
C SER B 73 -11.47 28.83 8.81
N THR B 74 -12.62 29.48 8.62
CA THR B 74 -13.61 29.13 7.60
C THR B 74 -13.99 30.39 6.80
N ILE B 75 -14.32 30.20 5.51
CA ILE B 75 -14.80 31.27 4.65
C ILE B 75 -16.00 30.74 3.86
N SER B 76 -16.92 31.63 3.54
CA SER B 76 -18.11 31.26 2.78
C SER B 76 -17.82 31.24 1.28
N GLY B 77 -18.65 30.50 0.53
CA GLY B 77 -18.55 30.41 -0.93
C GLY B 77 -18.14 31.71 -1.60
N SER B 78 -18.88 32.80 -1.35
CA SER B 78 -18.64 34.07 -2.02
C SER B 78 -17.40 34.76 -1.45
N GLY B 79 -16.97 34.41 -0.23
CA GLY B 79 -15.86 35.13 0.44
C GLY B 79 -16.38 36.23 1.38
N GLY B 80 -17.69 36.29 1.51
CA GLY B 80 -18.37 37.40 2.15
C GLY B 80 -18.38 37.25 3.64
N SER B 81 -18.14 36.04 4.14
CA SER B 81 -18.13 35.79 5.59
C SER B 81 -16.90 34.98 5.97
N THR B 82 -16.39 35.33 7.15
CA THR B 82 -15.06 35.02 7.58
C THR B 82 -15.14 34.71 9.10
N TYR B 83 -14.46 33.67 9.55
CA TYR B 83 -14.54 33.12 10.90
C TYR B 83 -13.14 32.62 11.30
N TYR B 84 -12.67 32.93 12.51
CA TYR B 84 -11.29 32.59 12.86
C TYR B 84 -11.19 32.07 14.29
N ALA B 85 -10.36 31.06 14.49
CA ALA B 85 -9.94 30.57 15.81
C ALA B 85 -9.32 31.73 16.62
N ASP B 86 -9.55 31.74 17.92
CA ASP B 86 -8.99 32.81 18.75
C ASP B 86 -7.47 32.96 18.58
N SER B 87 -6.72 31.85 18.62
CA SER B 87 -5.25 31.89 18.54
C SER B 87 -4.72 32.46 17.19
N VAL B 88 -5.55 32.62 16.16
CA VAL B 88 -5.01 33.18 14.90
C VAL B 88 -5.65 34.55 14.58
N LYS B 89 -6.64 34.96 15.38
CA LYS B 89 -7.40 36.18 15.05
C LYS B 89 -6.43 37.38 15.04
N GLY B 90 -6.46 38.15 13.96
CA GLY B 90 -5.59 39.36 13.85
C GLY B 90 -4.19 39.05 13.32
N ARG B 91 -3.90 37.78 13.01
CA ARG B 91 -2.61 37.43 12.36
C ARG B 91 -2.86 36.72 11.03
N PHE B 92 -3.91 35.90 10.95
CA PHE B 92 -4.17 35.19 9.71
C PHE B 92 -5.34 35.85 9.00
N THR B 93 -5.40 35.70 7.68
CA THR B 93 -6.57 36.10 6.94
C THR B 93 -6.88 35.00 5.94
N ILE B 94 -8.11 34.55 5.96
CA ILE B 94 -8.58 33.64 4.94
C ILE B 94 -9.18 34.46 3.77
N SER B 95 -8.88 34.05 2.55
CA SER B 95 -9.52 34.65 1.40
C SER B 95 -9.65 33.61 0.30
N ARG B 96 -10.33 34.00 -0.77
CA ARG B 96 -10.45 33.10 -1.88
C ARG B 96 -10.54 33.90 -3.18
N ASP B 97 -10.02 33.33 -4.27
CA ASP B 97 -10.25 33.91 -5.58
C ASP B 97 -11.11 32.91 -6.37
N ASN B 98 -12.39 33.21 -6.57
CA ASN B 98 -13.32 32.20 -7.09
C ASN B 98 -13.06 31.93 -8.58
N SER B 99 -12.63 32.96 -9.29
CA SER B 99 -12.33 32.85 -10.71
C SER B 99 -11.06 32.00 -10.93
N LYS B 100 -10.31 31.69 -9.88
CA LYS B 100 -9.15 30.82 -10.02
C LYS B 100 -9.33 29.52 -9.21
N ASN B 101 -10.52 29.35 -8.64
CA ASN B 101 -10.80 28.15 -7.87
C ASN B 101 -9.74 27.96 -6.79
N THR B 102 -9.33 29.02 -6.11
CA THR B 102 -8.24 28.90 -5.14
C THR B 102 -8.63 29.54 -3.79
N LEU B 103 -8.32 28.81 -2.72
CA LEU B 103 -8.46 29.24 -1.33
C LEU B 103 -7.08 29.68 -0.82
N TYR B 104 -7.03 30.70 0.03
CA TYR B 104 -5.76 31.18 0.55
C TYR B 104 -5.79 31.28 2.08
N LEU B 105 -4.64 31.13 2.68
CA LEU B 105 -4.47 31.48 4.07
C LEU B 105 -3.23 32.38 4.16
N GLN B 106 -3.44 33.67 4.38
CA GLN B 106 -2.34 34.60 4.62
C GLN B 106 -2.01 34.49 6.11
N MET B 107 -0.76 34.21 6.42
CA MET B 107 -0.33 34.02 7.79
C MET B 107 0.75 35.07 8.10
N ASN B 108 0.58 35.81 9.18
CA ASN B 108 1.49 36.89 9.56
C ASN B 108 1.85 36.70 11.04
N SER B 109 2.94 37.34 11.52
CA SER B 109 3.39 37.26 12.94
C SER B 109 3.44 35.81 13.41
N LEU B 110 4.11 34.96 12.64
CA LEU B 110 4.08 33.55 12.90
C LEU B 110 4.87 33.27 14.17
N ARG B 111 4.31 32.41 15.02
CA ARG B 111 5.01 31.96 16.22
C ARG B 111 5.32 30.46 16.12
N ALA B 112 6.29 30.00 16.90
CA ALA B 112 6.73 28.60 16.87
C ALA B 112 5.52 27.68 16.93
N GLU B 113 4.53 28.06 17.74
CA GLU B 113 3.38 27.23 18.09
C GLU B 113 2.46 27.13 16.87
N ASP B 114 2.77 27.88 15.81
CA ASP B 114 2.09 27.78 14.51
C ASP B 114 2.61 26.64 13.60
N THR B 115 3.69 25.99 14.02
CA THR B 115 4.23 24.87 13.22
C THR B 115 3.20 23.77 13.15
N ALA B 116 2.85 23.34 11.93
CA ALA B 116 1.83 22.30 11.83
C ALA B 116 1.67 21.92 10.36
N VAL B 117 1.00 20.82 10.10
CA VAL B 117 0.52 20.53 8.76
C VAL B 117 -0.81 21.26 8.59
N TYR B 118 -0.97 22.00 7.51
CA TYR B 118 -2.19 22.74 7.29
C TYR B 118 -3.01 22.05 6.20
N TYR B 119 -4.29 21.83 6.49
CA TYR B 119 -5.22 21.17 5.58
C TYR B 119 -6.34 22.13 5.13
N CYS B 120 -6.57 22.06 3.84
CA CYS B 120 -7.70 22.59 3.16
C CYS B 120 -8.84 21.62 3.43
N ALA B 121 -10.08 22.12 3.62
CA ALA B 121 -11.23 21.25 3.85
C ALA B 121 -12.48 21.82 3.19
N ARG B 122 -13.28 20.95 2.59
CA ARG B 122 -14.57 21.37 2.06
C ARG B 122 -15.71 21.03 3.05
N LEU B 123 -16.56 22.02 3.29
CA LEU B 123 -17.67 21.91 4.25
C LEU B 123 -19.00 21.62 3.51
N THR B 124 -19.85 20.85 4.18
CA THR B 124 -21.23 20.62 3.69
C THR B 124 -22.21 21.60 4.38
N ALA B 125 -23.46 21.58 3.93
CA ALA B 125 -24.54 22.41 4.54
C ALA B 125 -24.68 22.06 6.03
N TYR B 126 -24.18 20.89 6.43
CA TYR B 126 -24.35 20.38 7.81
C TYR B 126 -23.15 20.76 8.68
N GLY B 127 -22.19 21.48 8.09
CA GLY B 127 -21.06 22.03 8.85
C GLY B 127 -19.86 21.10 8.98
N HIS B 128 -19.94 19.84 8.52
CA HIS B 128 -18.79 18.94 8.61
C HIS B 128 -17.98 18.95 7.30
N VAL B 129 -16.77 18.40 7.40
CA VAL B 129 -15.84 18.28 6.32
C VAL B 129 -16.22 17.06 5.47
N ASP B 130 -16.28 17.21 4.15
CA ASP B 130 -16.54 16.02 3.37
C ASP B 130 -15.43 15.73 2.39
N SER B 131 -14.34 16.50 2.48
CA SER B 131 -13.26 16.41 1.54
C SER B 131 -12.04 17.17 2.07
N TRP B 132 -10.87 16.51 2.15
CA TRP B 132 -9.64 17.12 2.72
C TRP B 132 -8.53 17.23 1.67
N GLY B 133 -7.68 18.25 1.78
CA GLY B 133 -6.41 18.25 1.01
C GLY B 133 -5.37 17.31 1.61
N GLN B 134 -4.20 17.25 1.02
CA GLN B 134 -3.17 16.32 1.48
C GLN B 134 -2.40 16.98 2.63
N GLY B 135 -2.51 18.29 2.74
CA GLY B 135 -1.78 19.02 3.76
C GLY B 135 -0.46 19.53 3.24
N THR B 136 -0.04 20.67 3.76
CA THR B 136 1.25 21.25 3.50
C THR B 136 1.88 21.54 4.86
N LEU B 137 3.15 21.18 5.06
CA LEU B 137 3.80 21.40 6.37
C LEU B 137 4.38 22.81 6.45
N VAL B 138 4.14 23.50 7.55
CA VAL B 138 4.70 24.85 7.78
C VAL B 138 5.55 24.77 9.05
N THR B 139 6.80 25.21 8.96
CA THR B 139 7.70 25.11 10.11
C THR B 139 8.17 26.51 10.50
N VAL B 140 7.92 26.89 11.73
CA VAL B 140 8.23 28.23 12.15
C VAL B 140 9.34 28.13 13.19
N SER B 141 10.54 28.58 12.79
CA SER B 141 11.78 28.30 13.53
C SER B 141 12.87 29.29 13.12
N SER B 142 13.70 29.66 14.06
CA SER B 142 14.83 30.57 13.74
C SER B 142 15.96 29.79 13.04
N ALA B 143 15.94 28.45 13.10
CA ALA B 143 16.93 27.60 12.41
C ALA B 143 16.78 27.75 10.89
N SER B 144 17.91 27.69 10.21
CA SER B 144 17.98 27.84 8.74
C SER B 144 17.87 26.47 8.09
N THR B 145 17.58 26.42 6.79
CA THR B 145 17.57 25.16 6.04
C THR B 145 18.98 24.54 6.03
N LYS B 146 19.05 23.26 6.29
CA LYS B 146 20.29 22.52 6.13
C LYS B 146 20.01 21.25 5.33
N GLY B 147 20.65 21.15 4.18
CA GLY B 147 20.60 19.92 3.37
C GLY B 147 21.42 18.83 4.03
N PRO B 148 21.10 17.55 3.76
CA PRO B 148 21.74 16.45 4.51
C PRO B 148 23.12 16.06 3.97
N SER B 149 23.96 15.42 4.79
CA SER B 149 25.10 14.66 4.25
C SER B 149 24.62 13.23 4.00
N VAL B 150 25.02 12.61 2.91
CA VAL B 150 24.61 11.24 2.66
C VAL B 150 25.84 10.34 2.67
N PHE B 151 25.84 9.32 3.55
CA PHE B 151 26.97 8.38 3.64
C PHE B 151 26.50 6.94 3.36
N PRO B 152 27.36 6.14 2.70
CA PRO B 152 27.02 4.72 2.43
C PRO B 152 27.07 3.93 3.74
N LEU B 153 26.10 3.04 3.98
CA LEU B 153 26.26 2.02 5.02
C LEU B 153 26.61 0.70 4.32
N ALA B 154 27.92 0.45 4.20
CA ALA B 154 28.44 -0.71 3.44
C ALA B 154 28.15 -1.98 4.23
N PRO B 155 27.83 -3.06 3.53
CA PRO B 155 27.70 -4.42 4.12
C PRO B 155 29.05 -5.16 4.27
N SER B 156 29.17 -6.04 5.28
CA SER B 156 30.35 -6.96 5.50
C SER B 156 31.61 -6.20 5.95
N GLY B 162 27.06 -18.33 4.76
CA GLY B 162 25.97 -17.54 4.18
C GLY B 162 25.76 -16.26 4.96
N GLY B 163 24.55 -16.09 5.51
CA GLY B 163 24.25 -14.89 6.29
C GLY B 163 23.64 -13.78 5.43
N THR B 164 22.59 -13.19 5.98
CA THR B 164 21.93 -12.01 5.45
C THR B 164 22.82 -10.77 5.61
N ALA B 165 22.88 -9.97 4.56
CA ALA B 165 23.64 -8.72 4.54
C ALA B 165 22.68 -7.53 4.58
N ALA B 166 23.20 -6.38 4.97
CA ALA B 166 22.44 -5.14 4.96
C ALA B 166 23.36 -4.06 4.42
N LEU B 167 22.84 -3.27 3.50
CA LEU B 167 23.52 -2.09 3.02
C LEU B 167 22.50 -0.95 3.04
N GLY B 168 22.96 0.29 3.05
CA GLY B 168 21.99 1.35 3.13
C GLY B 168 22.61 2.71 2.91
N CYS B 169 21.82 3.73 3.24
CA CYS B 169 22.25 5.11 3.22
C CYS B 169 21.92 5.78 4.56
N LEU B 170 22.90 6.50 5.08
CA LEU B 170 22.70 7.35 6.23
C LEU B 170 22.44 8.78 5.70
N VAL B 171 21.26 9.31 5.97
CA VAL B 171 20.94 10.70 5.59
C VAL B 171 21.06 11.56 6.85
N LYS B 172 22.20 12.22 7.03
CA LYS B 172 22.56 12.81 8.32
C LYS B 172 22.35 14.33 8.29
N ASP B 173 21.88 14.83 9.45
CA ASP B 173 21.86 16.28 9.77
C ASP B 173 21.11 17.18 8.79
N TYR B 174 19.82 16.93 8.63
CA TYR B 174 19.06 17.80 7.75
C TYR B 174 17.95 18.52 8.53
N PHE B 175 17.41 19.58 7.93
CA PHE B 175 16.34 20.36 8.53
C PHE B 175 15.76 21.33 7.49
N PRO B 176 14.44 21.48 7.48
CA PRO B 176 13.50 20.71 8.30
C PRO B 176 13.13 19.39 7.60
N GLU B 177 12.17 18.66 8.15
CA GLU B 177 11.53 17.52 7.47
C GLU B 177 10.80 18.06 6.24
N PRO B 178 10.58 17.25 5.20
CA PRO B 178 10.90 15.82 5.14
C PRO B 178 12.01 15.42 4.14
N VAL B 179 12.42 14.15 4.21
CA VAL B 179 13.31 13.54 3.21
C VAL B 179 12.59 12.35 2.53
N THR B 180 12.82 12.23 1.24
CA THR B 180 12.45 11.06 0.48
C THR B 180 13.72 10.26 0.19
N VAL B 181 13.64 8.94 0.36
CA VAL B 181 14.66 8.05 -0.15
C VAL B 181 14.00 7.02 -1.07
N SER B 182 14.58 6.80 -2.25
CA SER B 182 14.27 5.62 -3.01
C SER B 182 15.57 4.90 -3.41
N TRP B 183 15.41 3.71 -4.00
CA TRP B 183 16.55 2.90 -4.45
C TRP B 183 16.42 2.55 -5.94
N ASN B 184 17.52 2.72 -6.66
CA ASN B 184 17.56 2.41 -8.09
C ASN B 184 16.39 3.13 -8.79
N SER B 185 16.09 4.36 -8.37
CA SER B 185 15.10 5.25 -9.06
C SER B 185 13.67 4.69 -8.98
N GLY B 186 13.39 3.92 -7.93
CA GLY B 186 12.06 3.39 -7.74
C GLY B 186 11.94 1.97 -8.24
N ALA B 187 12.98 1.44 -8.87
CA ALA B 187 12.93 0.07 -9.42
C ALA B 187 13.02 -0.99 -8.29
N LEU B 188 13.57 -0.62 -7.14
CA LEU B 188 13.72 -1.58 -6.06
C LEU B 188 12.86 -1.15 -4.89
N THR B 189 11.87 -1.98 -4.55
CA THR B 189 11.09 -1.73 -3.33
C THR B 189 11.19 -2.92 -2.37
N SER B 190 11.64 -4.08 -2.83
CA SER B 190 11.59 -5.26 -1.96
C SER B 190 12.92 -5.47 -1.21
N GLY B 191 12.81 -5.64 0.11
CA GLY B 191 13.96 -5.59 1.02
C GLY B 191 14.27 -4.16 1.47
N VAL B 192 13.48 -3.16 1.10
CA VAL B 192 13.80 -1.77 1.45
C VAL B 192 13.11 -1.43 2.76
N HIS B 193 13.84 -0.90 3.73
CA HIS B 193 13.23 -0.38 4.95
C HIS B 193 13.80 1.03 5.21
N THR B 194 12.97 2.06 5.05
CA THR B 194 13.38 3.43 5.41
C THR B 194 12.83 3.72 6.82
N PHE B 195 13.69 4.07 7.75
CA PHE B 195 13.32 4.25 9.15
C PHE B 195 12.89 5.70 9.37
N PRO B 196 11.88 5.93 10.23
CA PRO B 196 11.60 7.34 10.61
C PRO B 196 12.85 8.05 11.14
N ALA B 197 12.91 9.37 11.02
CA ALA B 197 14.08 10.13 11.43
C ALA B 197 14.18 10.22 12.95
N VAL B 198 15.39 10.39 13.47
CA VAL B 198 15.65 10.86 14.83
C VAL B 198 15.80 12.39 14.80
N LEU B 199 15.25 13.07 15.80
CA LEU B 199 15.46 14.49 16.00
C LEU B 199 16.58 14.61 17.03
N GLN B 200 17.72 15.14 16.61
CA GLN B 200 18.85 15.24 17.53
C GLN B 200 18.68 16.48 18.41
N SER B 201 19.47 16.57 19.48
CA SER B 201 19.41 17.71 20.41
C SER B 201 19.88 19.00 19.69
N SER B 202 20.62 18.83 18.59
CA SER B 202 20.99 19.94 17.69
C SER B 202 19.74 20.56 17.05
N GLY B 203 18.68 19.79 16.90
CA GLY B 203 17.48 20.21 16.16
C GLY B 203 17.51 19.74 14.71
N LEU B 204 18.57 19.03 14.33
CA LEU B 204 18.71 18.44 13.00
C LEU B 204 18.23 16.99 13.03
N TYR B 205 17.75 16.54 11.87
CA TYR B 205 17.27 15.18 11.70
C TYR B 205 18.33 14.30 11.01
N SER B 206 18.36 13.02 11.36
CA SER B 206 19.07 12.00 10.57
C SER B 206 18.09 10.85 10.34
N LEU B 207 18.14 10.20 9.16
CA LEU B 207 17.43 8.92 9.07
C LEU B 207 18.28 7.90 8.33
N SER B 208 17.82 6.64 8.26
CA SER B 208 18.51 5.58 7.50
C SER B 208 17.55 4.78 6.63
N SER B 209 18.01 4.44 5.43
CA SER B 209 17.31 3.48 4.57
C SER B 209 18.22 2.26 4.31
N VAL B 210 17.70 1.05 4.40
CA VAL B 210 18.55 -0.17 4.21
C VAL B 210 17.84 -1.17 3.30
N VAL B 211 18.68 -1.93 2.62
CA VAL B 211 18.23 -3.08 1.87
C VAL B 211 18.85 -4.32 2.50
N THR B 212 18.04 -5.35 2.65
CA THR B 212 18.46 -6.63 3.19
C THR B 212 18.62 -7.61 2.02
N VAL B 213 19.81 -8.16 1.84
CA VAL B 213 20.06 -9.05 0.71
C VAL B 213 20.90 -10.25 1.19
N PRO B 214 20.89 -11.36 0.44
CA PRO B 214 21.77 -12.48 0.83
C PRO B 214 23.23 -12.03 0.64
N SER B 215 24.06 -12.23 1.66
CA SER B 215 25.52 -12.00 1.55
C SER B 215 26.06 -12.49 0.19
N SER B 216 25.65 -13.68 -0.26
CA SER B 216 26.18 -14.21 -1.54
C SER B 216 25.62 -13.43 -2.75
N SER B 217 24.62 -12.57 -2.54
CA SER B 217 24.07 -11.63 -3.55
C SER B 217 25.18 -10.73 -4.06
N LEU B 218 26.04 -10.35 -3.11
CA LEU B 218 26.85 -9.13 -3.21
C LEU B 218 27.70 -9.19 -4.49
N GLY B 219 27.73 -8.11 -5.26
CA GLY B 219 28.51 -8.08 -6.49
C GLY B 219 27.66 -8.42 -7.69
N THR B 220 26.40 -8.72 -7.46
CA THR B 220 25.49 -9.14 -8.52
C THR B 220 24.53 -8.01 -8.89
N GLN B 221 24.35 -7.01 -8.03
CA GLN B 221 23.32 -5.98 -8.25
C GLN B 221 23.86 -4.64 -7.76
N THR B 222 23.72 -3.61 -8.59
CA THR B 222 24.06 -2.25 -8.16
C THR B 222 22.95 -1.70 -7.27
N TYR B 223 23.40 -1.04 -6.21
CA TYR B 223 22.51 -0.39 -5.27
C TYR B 223 22.81 1.11 -5.20
N ILE B 224 21.86 1.91 -5.69
CA ILE B 224 21.97 3.38 -5.63
C ILE B 224 20.77 3.94 -4.84
N CYS B 225 21.07 4.69 -3.79
CA CYS B 225 20.00 5.31 -3.04
C CYS B 225 19.81 6.76 -3.49
N ASN B 226 18.55 7.13 -3.66
CA ASN B 226 18.21 8.43 -4.26
C ASN B 226 17.54 9.25 -3.17
N VAL B 227 18.23 10.29 -2.70
CA VAL B 227 17.79 11.05 -1.54
C VAL B 227 17.29 12.44 -1.95
N ASN B 228 16.03 12.74 -1.70
CA ASN B 228 15.47 14.07 -2.06
C ASN B 228 15.21 14.89 -0.79
N HIS B 229 15.73 16.10 -0.76
CA HIS B 229 15.41 17.02 0.31
C HIS B 229 14.91 18.34 -0.29
N LYS B 230 13.61 18.36 -0.54
CA LYS B 230 12.91 19.47 -1.20
C LYS B 230 13.12 20.78 -0.43
N PRO B 231 13.03 20.77 0.90
CA PRO B 231 13.28 22.03 1.64
C PRO B 231 14.58 22.77 1.27
N SER B 232 15.65 22.04 0.91
CA SER B 232 16.93 22.68 0.53
C SER B 232 17.15 22.57 -0.98
N ASN B 233 16.17 22.04 -1.71
CA ASN B 233 16.33 21.76 -3.15
C ASN B 233 17.63 20.94 -3.45
N THR B 234 17.85 19.85 -2.70
CA THR B 234 19.04 19.01 -2.87
C THR B 234 18.57 17.62 -3.25
N LYS B 235 19.21 17.02 -4.27
CA LYS B 235 19.07 15.60 -4.61
C LYS B 235 20.48 14.99 -4.46
N VAL B 236 20.59 13.79 -3.88
CA VAL B 236 21.86 13.06 -3.77
C VAL B 236 21.62 11.62 -4.25
N ASP B 237 22.38 11.16 -5.23
CA ASP B 237 22.46 9.74 -5.56
C ASP B 237 23.81 9.23 -5.08
N LYS B 238 23.78 8.09 -4.41
CA LYS B 238 24.95 7.50 -3.80
C LYS B 238 24.96 5.99 -4.13
N ARG B 239 25.96 5.54 -4.90
CA ARG B 239 26.12 4.11 -5.08
C ARG B 239 26.69 3.53 -3.79
N VAL B 240 26.15 2.40 -3.33
CA VAL B 240 26.71 1.73 -2.16
C VAL B 240 27.17 0.32 -2.56
N GLU B 241 28.41 0.01 -2.21
CA GLU B 241 28.98 -1.30 -2.56
C GLU B 241 29.89 -1.79 -1.43
N PRO B 242 30.10 -3.13 -1.36
CA PRO B 242 30.94 -3.83 -0.34
C PRO B 242 32.31 -3.19 -0.18
N LYS B 243 32.75 -3.06 1.07
CA LYS B 243 33.90 -2.21 1.44
C LYS B 243 35.23 -2.89 1.07
N SER B 244 35.67 -2.59 -0.15
CA SER B 244 36.93 -3.09 -0.72
C SER B 244 36.74 -4.52 -1.24
N GLN C 26 -6.31 23.03 26.30
CA GLN C 26 -6.06 22.45 24.96
C GLN C 26 -7.38 22.40 24.18
N SER C 27 -7.92 21.21 23.90
CA SER C 27 -9.15 21.07 23.09
C SER C 27 -10.41 21.40 23.92
N VAL C 28 -11.47 21.81 23.26
CA VAL C 28 -12.70 22.28 23.93
C VAL C 28 -13.65 21.09 24.11
N LEU C 29 -13.48 20.06 23.31
CA LEU C 29 -14.17 18.80 23.58
C LEU C 29 -13.19 17.88 24.30
N THR C 30 -13.71 17.02 25.18
CA THR C 30 -12.83 16.13 25.93
C THR C 30 -13.08 14.69 25.50
N GLN C 31 -11.98 14.05 25.11
CA GLN C 31 -11.91 12.66 24.83
C GLN C 31 -10.85 12.04 25.75
N PRO C 32 -11.01 10.75 26.08
CA PRO C 32 -9.88 10.05 26.68
C PRO C 32 -8.70 9.96 25.69
N PRO C 33 -7.46 10.16 26.21
CA PRO C 33 -6.26 10.08 25.38
C PRO C 33 -6.13 8.71 24.68
N SER C 34 -6.55 7.64 25.34
CA SER C 34 -6.29 6.31 24.77
C SER C 34 -7.47 5.37 25.02
N ALA C 35 -7.60 4.39 24.15
CA ALA C 35 -8.56 3.32 24.33
C ALA C 35 -7.93 2.04 23.79
N SER C 36 -8.24 0.90 24.42
CA SER C 36 -7.71 -0.41 23.97
C SER C 36 -8.85 -1.41 23.85
N GLY C 37 -8.66 -2.40 22.99
CA GLY C 37 -9.54 -3.55 22.96
C GLY C 37 -8.86 -4.73 22.30
N THR C 38 -9.33 -5.94 22.56
CA THR C 38 -8.81 -7.15 21.89
C THR C 38 -9.74 -7.49 20.72
N PRO C 39 -9.26 -8.23 19.70
CA PRO C 39 -10.14 -8.31 18.51
C PRO C 39 -11.54 -8.87 18.80
N GLY C 40 -12.53 -8.37 18.06
CA GLY C 40 -13.93 -8.80 18.25
C GLY C 40 -14.61 -8.21 19.49
N GLN C 41 -13.88 -7.47 20.32
CA GLN C 41 -14.48 -6.72 21.44
C GLN C 41 -15.26 -5.49 20.89
N ARG C 42 -16.05 -4.90 21.78
CA ARG C 42 -16.76 -3.64 21.57
C ARG C 42 -16.04 -2.55 22.39
N VAL C 43 -15.67 -1.43 21.75
CA VAL C 43 -15.06 -0.30 22.49
C VAL C 43 -15.85 0.98 22.20
N THR C 44 -15.99 1.80 23.24
CA THR C 44 -16.64 3.09 23.05
C THR C 44 -15.75 4.25 23.52
N ILE C 45 -15.45 5.12 22.56
CA ILE C 45 -14.77 6.37 22.77
C ILE C 45 -15.80 7.47 23.05
N SER C 46 -15.60 8.15 24.17
CA SER C 46 -16.50 9.18 24.61
C SER C 46 -15.98 10.55 24.23
N CYS C 47 -16.87 11.54 24.31
CA CYS C 47 -16.59 12.89 23.89
C CYS C 47 -17.53 13.81 24.66
N SER C 48 -16.95 14.46 25.66
CA SER C 48 -17.68 15.34 26.55
C SER C 48 -17.55 16.78 26.04
N GLY C 49 -18.68 17.49 26.01
CA GLY C 49 -18.70 18.90 25.60
C GLY C 49 -19.61 19.75 26.46
N SER C 50 -20.27 20.72 25.85
CA SER C 50 -21.18 21.62 26.56
C SER C 50 -22.45 21.84 25.73
N SER C 51 -23.36 22.61 26.29
CA SER C 51 -24.65 22.87 25.65
C SER C 51 -24.44 23.68 24.37
N SER C 52 -23.43 24.55 24.33
CA SER C 52 -23.28 25.39 23.13
C SER C 52 -22.68 24.61 21.96
N ASN C 53 -21.98 23.49 22.23
CA ASN C 53 -21.46 22.66 21.13
C ASN C 53 -22.31 21.40 20.95
N ILE C 54 -21.98 20.34 21.67
CA ILE C 54 -22.61 19.02 21.51
C ILE C 54 -24.12 19.09 21.84
N GLY C 55 -24.50 19.80 22.90
CA GLY C 55 -25.92 19.92 23.27
C GLY C 55 -26.80 20.48 22.14
N THR C 56 -26.28 21.36 21.32
CA THR C 56 -27.08 22.11 20.37
C THR C 56 -26.70 21.78 18.91
N ASN C 57 -25.46 21.34 18.70
CA ASN C 57 -24.88 21.20 17.34
C ASN C 57 -24.61 19.72 17.05
N THR C 58 -24.47 19.36 15.78
CA THR C 58 -24.30 17.95 15.38
C THR C 58 -22.85 17.51 15.61
N VAL C 59 -22.68 16.26 16.02
CA VAL C 59 -21.35 15.71 16.29
C VAL C 59 -20.89 14.89 15.08
N ASN C 60 -19.60 14.99 14.83
CA ASN C 60 -18.94 14.31 13.74
C ASN C 60 -17.76 13.55 14.30
N TRP C 61 -17.42 12.43 13.69
CA TRP C 61 -16.27 11.64 14.11
C TRP C 61 -15.38 11.41 12.90
N TYR C 62 -14.09 11.56 13.16
CA TYR C 62 -13.09 11.31 12.15
C TYR C 62 -12.09 10.28 12.68
N GLN C 63 -11.62 9.45 11.77
CA GLN C 63 -10.57 8.51 12.02
C GLN C 63 -9.32 8.98 11.27
N GLN C 64 -8.15 8.96 11.91
CA GLN C 64 -6.91 9.33 11.20
C GLN C 64 -5.83 8.24 11.34
N LEU C 65 -5.37 7.74 10.19
CA LEU C 65 -4.18 6.85 10.14
C LEU C 65 -2.94 7.72 9.98
N PRO C 66 -1.79 7.26 10.52
CA PRO C 66 -0.50 7.99 10.50
C PRO C 66 -0.12 8.56 9.12
N GLY C 67 0.33 9.81 9.11
CA GLY C 67 0.78 10.50 7.88
C GLY C 67 -0.32 10.68 6.83
N THR C 68 -1.58 10.52 7.22
CA THR C 68 -2.72 10.69 6.30
C THR C 68 -3.76 11.65 6.90
N ALA C 69 -4.60 12.19 6.02
CA ALA C 69 -5.68 13.13 6.36
C ALA C 69 -6.82 12.39 7.08
N PRO C 70 -7.59 13.10 7.92
CA PRO C 70 -8.69 12.40 8.59
C PRO C 70 -9.70 11.90 7.55
N LYS C 71 -10.38 10.83 7.94
CA LYS C 71 -11.47 10.23 7.17
C LYS C 71 -12.77 10.36 8.00
N LEU C 72 -13.86 10.73 7.35
CA LEU C 72 -15.16 10.84 8.02
C LEU C 72 -15.70 9.46 8.38
N LEU C 73 -16.10 9.30 9.65
CA LEU C 73 -16.74 8.07 10.12
C LEU C 73 -18.25 8.29 10.37
N ILE C 74 -18.59 9.42 11.01
CA ILE C 74 -19.94 9.71 11.48
C ILE C 74 -20.22 11.22 11.31
N TYR C 75 -21.36 11.56 10.72
CA TYR C 75 -21.81 12.93 10.63
C TYR C 75 -23.27 13.01 11.10
N ARG C 76 -23.69 14.23 11.42
CA ARG C 76 -25.03 14.52 11.92
C ARG C 76 -25.38 13.53 13.03
N ASN C 77 -24.43 13.34 13.95
CA ASN C 77 -24.63 12.62 15.21
C ASN C 77 -24.45 11.11 15.02
N TYR C 78 -25.09 10.51 14.00
CA TYR C 78 -25.22 9.04 14.02
C TYR C 78 -25.12 8.47 12.60
N GLN C 79 -25.16 9.31 11.56
CA GLN C 79 -25.16 8.81 10.17
C GLN C 79 -23.75 8.35 9.77
N ARG C 80 -23.73 7.28 9.00
CA ARG C 80 -22.53 6.70 8.49
C ARG C 80 -22.40 7.07 7.01
N PRO C 81 -21.23 7.60 6.59
CA PRO C 81 -20.98 7.79 5.16
C PRO C 81 -20.96 6.44 4.42
N SER C 82 -21.14 6.48 3.11
CA SER C 82 -20.97 5.29 2.28
C SER C 82 -19.56 4.71 2.49
N GLY C 83 -19.47 3.45 2.87
CA GLY C 83 -18.18 2.79 2.95
C GLY C 83 -17.70 2.58 4.38
N VAL C 84 -18.48 3.06 5.35
CA VAL C 84 -18.14 2.91 6.75
C VAL C 84 -19.07 1.86 7.34
N PRO C 85 -18.50 0.74 7.79
CA PRO C 85 -19.29 -0.42 8.23
C PRO C 85 -20.13 -0.13 9.50
N ASP C 86 -21.29 -0.80 9.60
CA ASP C 86 -22.16 -0.87 10.80
C ASP C 86 -21.49 -1.06 12.17
N ARG C 87 -20.26 -1.55 12.16
CA ARG C 87 -19.41 -1.73 13.36
C ARG C 87 -19.18 -0.39 14.07
N PHE C 88 -19.20 0.69 13.30
CA PHE C 88 -19.01 2.03 13.86
C PHE C 88 -20.38 2.70 14.01
N SER C 89 -20.70 3.12 15.23
CA SER C 89 -21.99 3.77 15.41
C SER C 89 -21.83 4.97 16.33
N GLY C 90 -22.40 6.10 15.92
CA GLY C 90 -22.33 7.34 16.71
C GLY C 90 -23.62 7.58 17.44
N SER C 91 -23.50 8.04 18.69
CA SER C 91 -24.67 8.47 19.43
C SER C 91 -24.35 9.74 20.23
N LYS C 92 -25.37 10.42 20.70
CA LYS C 92 -25.14 11.46 21.71
C LYS C 92 -26.33 11.57 22.66
N SER C 93 -26.05 12.05 23.86
CA SER C 93 -27.07 12.31 24.85
C SER C 93 -26.67 13.54 25.66
N GLY C 94 -27.46 14.60 25.56
CA GLY C 94 -27.11 15.83 26.28
C GLY C 94 -25.87 16.48 25.69
N THR C 95 -24.86 16.70 26.53
CA THR C 95 -23.62 17.32 26.14
C THR C 95 -22.50 16.26 25.99
N SER C 96 -22.87 15.00 25.78
CA SER C 96 -21.88 13.92 25.66
C SER C 96 -22.17 13.07 24.40
N ALA C 97 -21.14 12.76 23.64
CA ALA C 97 -21.31 11.92 22.47
C ALA C 97 -20.43 10.67 22.61
N SER C 98 -20.75 9.65 21.82
CA SER C 98 -20.16 8.31 21.92
C SER C 98 -19.91 7.73 20.53
N LEU C 99 -18.69 7.30 20.29
CA LEU C 99 -18.43 6.44 19.14
C LEU C 99 -18.23 5.02 19.66
N ALA C 100 -19.10 4.12 19.25
CA ALA C 100 -19.02 2.72 19.72
C ALA C 100 -18.46 1.87 18.58
N ILE C 101 -17.40 1.10 18.84
CA ILE C 101 -16.90 0.22 17.82
C ILE C 101 -17.07 -1.20 18.33
N SER C 102 -17.90 -1.98 17.62
CA SER C 102 -18.06 -3.42 17.91
C SER C 102 -17.26 -4.23 16.87
N GLY C 103 -16.90 -5.48 17.20
CA GLY C 103 -16.20 -6.34 16.22
C GLY C 103 -14.83 -5.77 15.87
N LEU C 104 -14.21 -5.16 16.89
CA LEU C 104 -12.86 -4.58 16.86
C LEU C 104 -11.93 -5.43 15.98
N ARG C 105 -11.38 -4.79 14.96
CA ARG C 105 -10.39 -5.36 14.05
C ARG C 105 -9.04 -4.64 14.25
N SER C 106 -7.96 -5.36 13.98
CA SER C 106 -6.59 -4.82 14.00
C SER C 106 -6.49 -3.52 13.20
N GLU C 107 -7.17 -3.46 12.06
CA GLU C 107 -7.02 -2.32 11.15
C GLU C 107 -7.84 -1.13 11.67
N ASP C 108 -8.48 -1.26 12.85
CA ASP C 108 -9.14 -0.13 13.53
C ASP C 108 -8.18 0.77 14.31
N GLU C 109 -6.94 0.31 14.52
CA GLU C 109 -5.96 1.09 15.25
C GLU C 109 -5.74 2.38 14.47
N ALA C 110 -5.95 3.51 15.15
CA ALA C 110 -5.97 4.81 14.50
C ALA C 110 -6.25 5.83 15.60
N ASP C 111 -6.19 7.11 15.24
CA ASP C 111 -6.67 8.15 16.12
C ASP C 111 -8.09 8.56 15.78
N TYR C 112 -8.89 8.80 16.82
CA TYR C 112 -10.27 9.16 16.64
C TYR C 112 -10.56 10.52 17.28
N TYR C 113 -11.26 11.34 16.51
CA TYR C 113 -11.60 12.72 16.86
C TYR C 113 -13.11 12.95 16.72
N CYS C 114 -13.71 13.48 17.78
CA CYS C 114 -15.05 14.08 17.63
C CYS C 114 -14.91 15.58 17.33
N ALA C 115 -15.95 16.14 16.72
CA ALA C 115 -15.92 17.54 16.29
C ALA C 115 -17.35 18.08 16.21
N ALA C 116 -17.48 19.40 16.39
CA ALA C 116 -18.77 20.08 16.31
C ALA C 116 -18.56 21.58 16.23
N TRP C 117 -19.53 22.27 15.65
CA TRP C 117 -19.56 23.70 15.78
C TRP C 117 -20.00 24.03 17.21
N ASP C 118 -19.70 25.26 17.60
CA ASP C 118 -19.90 25.69 18.95
C ASP C 118 -20.41 27.11 18.83
N ASP C 119 -21.63 27.36 19.30
CA ASP C 119 -22.19 28.71 19.27
C ASP C 119 -21.85 29.45 20.57
N SER C 120 -20.68 30.07 20.62
CA SER C 120 -20.17 30.69 21.86
C SER C 120 -20.52 32.17 21.84
N LEU C 121 -20.05 32.94 22.82
CA LEU C 121 -20.32 34.40 22.83
C LEU C 121 -19.48 35.07 21.73
N SER C 122 -18.30 34.55 21.46
CA SER C 122 -17.43 35.05 20.42
C SER C 122 -18.05 34.89 19.03
N GLY C 123 -19.16 34.14 18.90
CA GLY C 123 -19.66 33.70 17.61
C GLY C 123 -19.36 32.23 17.37
N PRO C 124 -19.76 31.71 16.18
CA PRO C 124 -19.60 30.26 15.89
C PRO C 124 -18.16 29.88 15.54
N HIS C 125 -17.71 28.77 16.08
CA HIS C 125 -16.39 28.27 15.77
C HIS C 125 -16.41 26.74 15.77
N VAL C 126 -15.42 26.09 15.17
CA VAL C 126 -15.39 24.62 15.14
C VAL C 126 -14.49 24.13 16.28
N VAL C 127 -14.97 23.13 17.03
CA VAL C 127 -14.15 22.60 18.12
C VAL C 127 -13.90 21.10 17.90
N PHE C 128 -12.67 20.66 18.20
CA PHE C 128 -12.33 19.25 18.11
C PHE C 128 -12.10 18.71 19.52
N GLY C 129 -12.35 17.41 19.70
CA GLY C 129 -11.75 16.65 20.82
C GLY C 129 -10.24 16.51 20.61
N GLY C 130 -9.50 16.23 21.67
CA GLY C 130 -8.05 16.10 21.55
C GLY C 130 -7.63 14.79 20.91
N GLY C 131 -8.57 13.90 20.59
CA GLY C 131 -8.22 12.65 19.89
C GLY C 131 -8.10 11.46 20.84
N THR C 132 -8.53 10.29 20.41
CA THR C 132 -8.34 9.07 21.23
C THR C 132 -7.54 8.04 20.41
N LYS C 133 -6.37 7.65 20.92
CA LYS C 133 -5.56 6.61 20.26
C LYS C 133 -6.15 5.24 20.61
N LEU C 134 -6.72 4.54 19.62
CA LEU C 134 -7.27 3.20 19.86
C LEU C 134 -6.18 2.16 19.56
N THR C 135 -5.84 1.32 20.55
CA THR C 135 -4.93 0.18 20.35
C THR C 135 -5.72 -1.14 20.38
N VAL C 136 -5.44 -2.01 19.43
CA VAL C 136 -6.04 -3.35 19.33
C VAL C 136 -5.02 -4.37 19.88
N LEU C 137 -5.38 -5.07 20.94
CA LEU C 137 -4.43 -5.85 21.73
C LEU C 137 -4.34 -7.29 21.22
N GLY C 138 -3.59 -8.10 21.97
CA GLY C 138 -3.51 -9.55 21.76
C GLY C 138 -2.76 -9.93 20.48
N GLN C 139 -2.05 -9.01 19.86
CA GLN C 139 -1.26 -9.40 18.70
C GLN C 139 -0.02 -10.16 19.19
N PRO C 140 0.53 -11.03 18.36
CA PRO C 140 1.66 -11.86 18.83
C PRO C 140 2.93 -11.06 19.18
N LYS C 141 3.55 -11.44 20.31
CA LYS C 141 4.84 -10.93 20.82
C LYS C 141 5.91 -11.23 19.76
N ALA C 142 6.90 -10.36 19.53
CA ALA C 142 7.93 -10.60 18.48
C ALA C 142 9.28 -9.97 18.90
N ALA C 143 10.36 -10.75 18.79
CA ALA C 143 11.71 -10.27 19.11
C ALA C 143 12.20 -9.37 17.99
N PRO C 144 13.04 -8.38 18.35
CA PRO C 144 13.62 -7.47 17.39
C PRO C 144 14.75 -8.08 16.53
N SER C 145 14.67 -7.88 15.22
CA SER C 145 15.81 -7.81 14.31
C SER C 145 16.65 -6.59 14.71
N VAL C 146 17.95 -6.80 14.85
CA VAL C 146 18.89 -5.71 15.10
C VAL C 146 20.04 -5.80 14.11
N THR C 147 20.36 -4.69 13.45
CA THR C 147 21.63 -4.57 12.71
C THR C 147 22.37 -3.28 13.13
N LEU C 148 23.68 -3.41 13.30
CA LEU C 148 24.53 -2.28 13.73
C LEU C 148 25.57 -1.96 12.65
N PHE C 149 25.66 -0.70 12.24
CA PHE C 149 26.66 -0.31 11.26
C PHE C 149 27.66 0.62 11.94
N PRO C 150 28.95 0.48 11.55
CA PRO C 150 30.03 1.39 11.98
C PRO C 150 30.01 2.65 11.13
N PRO C 151 30.77 3.69 11.54
CA PRO C 151 30.92 4.85 10.68
C PRO C 151 31.52 4.47 9.32
N SER C 152 30.94 4.97 8.26
CA SER C 152 31.52 4.83 6.94
C SER C 152 32.87 5.55 6.90
N SER C 153 33.70 5.08 5.98
CA SER C 153 34.98 5.66 5.68
C SER C 153 34.77 7.11 5.25
N GLU C 154 33.79 7.33 4.41
CA GLU C 154 33.49 8.68 3.96
C GLU C 154 33.28 9.61 5.16
N GLU C 155 32.53 9.17 6.16
CA GLU C 155 32.19 10.06 7.28
C GLU C 155 33.45 10.35 8.10
N LEU C 156 34.26 9.30 8.33
CA LEU C 156 35.46 9.43 9.13
C LEU C 156 36.39 10.46 8.47
N GLN C 157 36.38 10.48 7.14
CA GLN C 157 37.15 11.45 6.40
C GLN C 157 36.58 12.85 6.62
N ALA C 158 35.26 12.98 6.69
CA ALA C 158 34.66 14.29 7.02
C ALA C 158 34.89 14.62 8.50
N ASN C 159 35.64 13.78 9.23
CA ASN C 159 36.04 14.05 10.62
C ASN C 159 34.83 13.87 11.56
N LYS C 160 33.90 13.00 11.19
CA LYS C 160 32.77 12.63 12.07
C LYS C 160 32.68 11.10 12.15
N ALA C 161 31.89 10.59 13.10
CA ALA C 161 31.68 9.15 13.28
C ALA C 161 30.29 8.91 13.90
N THR C 162 29.44 8.17 13.18
CA THR C 162 28.12 7.81 13.67
C THR C 162 27.91 6.30 13.55
N LEU C 163 27.55 5.68 14.68
CA LEU C 163 27.15 4.30 14.73
C LEU C 163 25.61 4.25 14.68
N VAL C 164 25.11 3.38 13.83
CA VAL C 164 23.68 3.33 13.50
C VAL C 164 23.16 1.95 13.91
N CYS C 165 22.23 1.92 14.85
CA CYS C 165 21.60 0.70 15.30
C CYS C 165 20.12 0.73 14.90
N LEU C 166 19.72 -0.17 14.01
CA LEU C 166 18.35 -0.24 13.49
C LEU C 166 17.66 -1.45 14.11
N ILE C 167 16.52 -1.18 14.76
CA ILE C 167 15.75 -2.19 15.49
C ILE C 167 14.39 -2.32 14.80
N SER C 168 14.03 -3.53 14.37
CA SER C 168 12.83 -3.68 13.54
C SER C 168 12.07 -4.98 13.86
N ASP C 169 10.84 -5.06 13.33
CA ASP C 169 9.93 -6.19 13.50
C ASP C 169 9.67 -6.65 14.93
N PHE C 170 9.62 -5.74 15.89
CA PHE C 170 9.43 -6.18 17.28
C PHE C 170 7.98 -5.88 17.72
N TYR C 171 7.47 -6.72 18.61
CA TYR C 171 6.19 -6.44 19.29
C TYR C 171 6.29 -6.95 20.73
N PRO C 172 5.73 -6.23 21.72
CA PRO C 172 5.09 -4.90 21.59
C PRO C 172 6.13 -3.77 21.45
N GLY C 173 5.68 -2.52 21.53
CA GLY C 173 6.45 -1.38 21.00
C GLY C 173 7.36 -0.73 22.03
N ALA C 174 7.72 -1.46 23.07
CA ALA C 174 8.55 -0.90 24.16
C ALA C 174 9.93 -1.57 24.17
N VAL C 175 10.97 -0.73 24.22
CA VAL C 175 12.31 -1.20 24.05
C VAL C 175 13.26 -0.32 24.88
N THR C 176 14.27 -0.95 25.44
CA THR C 176 15.44 -0.26 25.94
C THR C 176 16.62 -0.48 24.98
N VAL C 177 17.27 0.62 24.59
CA VAL C 177 18.53 0.60 23.80
C VAL C 177 19.66 1.13 24.69
N ALA C 178 20.75 0.36 24.80
CA ALA C 178 21.92 0.77 25.56
C ALA C 178 23.19 0.51 24.74
N TRP C 179 24.09 1.49 24.76
CA TRP C 179 25.35 1.44 24.05
C TRP C 179 26.49 1.16 25.01
N LYS C 180 27.50 0.45 24.54
CA LYS C 180 28.72 0.22 25.33
C LYS C 180 29.95 0.60 24.48
N ALA C 181 30.84 1.39 25.07
CA ALA C 181 32.22 1.55 24.55
C ALA C 181 33.11 0.46 25.18
N ASP C 182 33.70 -0.38 24.33
CA ASP C 182 34.33 -1.64 24.80
C ASP C 182 33.27 -2.36 25.60
N SER C 183 33.38 -2.27 26.93
CA SER C 183 32.48 -2.98 27.80
C SER C 183 31.84 -2.02 28.82
N SER C 184 32.19 -0.73 28.76
CA SER C 184 31.64 0.27 29.66
C SER C 184 30.48 1.00 28.96
N PRO C 185 29.35 1.17 29.68
CA PRO C 185 28.19 2.00 29.27
C PRO C 185 28.60 3.39 28.76
N VAL C 186 27.93 3.84 27.71
CA VAL C 186 28.11 5.19 27.20
C VAL C 186 26.75 5.88 27.14
N LYS C 187 26.66 7.06 27.74
CA LYS C 187 25.39 7.77 27.85
C LYS C 187 25.40 8.97 26.90
N ALA C 188 26.55 9.62 26.76
CA ALA C 188 26.67 10.85 25.99
C ALA C 188 26.59 10.55 24.48
N GLY C 189 25.96 11.45 23.74
CA GLY C 189 25.97 11.39 22.28
C GLY C 189 25.09 10.30 21.69
N VAL C 190 24.15 9.74 22.47
CA VAL C 190 23.17 8.82 21.86
C VAL C 190 21.82 9.52 21.60
N GLU C 191 21.23 9.23 20.43
CA GLU C 191 19.87 9.67 20.12
C GLU C 191 19.05 8.47 19.60
N THR C 192 17.88 8.25 20.21
CA THR C 192 17.01 7.11 19.89
C THR C 192 15.60 7.59 19.53
N THR C 193 14.97 7.02 18.49
CA THR C 193 13.63 7.44 18.09
C THR C 193 12.62 6.76 19.02
N THR C 194 11.38 7.25 19.04
CA THR C 194 10.29 6.50 19.66
C THR C 194 9.91 5.37 18.71
N PRO C 195 9.66 4.19 19.26
CA PRO C 195 9.23 3.12 18.35
C PRO C 195 7.91 3.50 17.63
N SER C 196 7.83 3.26 16.33
CA SER C 196 6.54 3.37 15.63
C SER C 196 6.35 2.20 14.67
N LYS C 197 5.14 2.09 14.13
CA LYS C 197 4.69 0.87 13.46
C LYS C 197 5.10 0.90 11.98
N GLN C 198 5.74 -0.17 11.52
CA GLN C 198 5.95 -0.43 10.10
C GLN C 198 4.61 -0.88 9.50
N SER C 199 4.54 -0.89 8.18
CA SER C 199 3.31 -1.29 7.51
C SER C 199 2.96 -2.75 7.84
N ASN C 200 3.87 -3.51 8.44
CA ASN C 200 3.61 -4.94 8.71
C ASN C 200 3.04 -5.12 10.13
N ASN C 201 2.64 -4.02 10.76
CA ASN C 201 2.00 -4.01 12.10
C ASN C 201 3.02 -4.21 13.24
N LYS C 202 4.31 -4.29 12.92
CA LYS C 202 5.27 -4.40 14.00
C LYS C 202 6.02 -3.07 14.13
N TYR C 203 6.79 -2.93 15.19
CA TYR C 203 7.44 -1.67 15.51
C TYR C 203 8.87 -1.59 14.94
N ALA C 204 9.30 -0.37 14.60
CA ALA C 204 10.69 -0.13 14.22
C ALA C 204 11.23 1.07 15.00
N ALA C 205 12.53 1.06 15.26
CA ALA C 205 13.21 2.19 15.88
C ALA C 205 14.66 2.16 15.44
N SER C 206 15.34 3.26 15.72
CA SER C 206 16.75 3.38 15.40
C SER C 206 17.44 4.19 16.50
N SER C 207 18.73 3.93 16.68
CA SER C 207 19.53 4.66 17.66
C SER C 207 20.87 5.08 17.05
N TYR C 208 21.33 6.26 17.38
CA TYR C 208 22.53 6.79 16.77
C TYR C 208 23.50 7.20 17.88
N LEU C 209 24.74 6.72 17.76
CA LEU C 209 25.80 7.15 18.65
C LEU C 209 26.79 8.01 17.85
N SER C 210 26.99 9.27 18.27
CA SER C 210 28.01 10.20 17.73
C SER C 210 29.32 10.06 18.52
N LEU C 211 30.42 9.89 17.80
CA LEU C 211 31.73 9.77 18.41
C LEU C 211 32.68 10.69 17.63
N THR C 212 33.84 10.98 18.22
CA THR C 212 34.95 11.53 17.43
C THR C 212 35.64 10.39 16.69
N PRO C 213 36.22 10.67 15.51
CA PRO C 213 36.95 9.59 14.86
C PRO C 213 37.99 8.97 15.82
N GLU C 214 38.56 9.77 16.72
CA GLU C 214 39.53 9.32 17.75
C GLU C 214 38.90 8.32 18.71
N GLN C 215 37.71 8.61 19.23
CA GLN C 215 37.02 7.68 20.15
C GLN C 215 36.76 6.32 19.48
N TRP C 216 36.32 6.36 18.23
CA TRP C 216 35.98 5.15 17.48
C TRP C 216 37.23 4.29 17.25
N LYS C 217 38.35 4.95 16.93
CA LYS C 217 39.58 4.27 16.52
C LYS C 217 40.31 3.71 17.75
N SER C 218 40.04 4.31 18.92
CA SER C 218 40.81 4.04 20.14
C SER C 218 40.22 2.88 20.95
N HIS C 219 38.94 2.55 20.83
CA HIS C 219 38.37 1.41 21.60
C HIS C 219 38.45 0.12 20.78
N ARG C 220 38.33 -1.00 21.47
CA ARG C 220 38.40 -2.32 20.82
C ARG C 220 37.09 -2.59 20.06
N SER C 221 35.99 -1.98 20.52
CA SER C 221 34.68 -2.26 19.97
C SER C 221 33.60 -1.36 20.62
N TYR C 222 32.47 -1.25 19.92
CA TYR C 222 31.27 -0.61 20.44
C TYR C 222 30.09 -1.57 20.22
N SER C 223 29.11 -1.48 21.10
CA SER C 223 28.03 -2.44 21.08
C SER C 223 26.68 -1.71 21.21
N CYS C 224 25.69 -2.21 20.50
CA CYS C 224 24.31 -1.79 20.64
C CYS C 224 23.58 -2.89 21.39
N GLN C 225 23.02 -2.58 22.54
CA GLN C 225 22.28 -3.58 23.32
C GLN C 225 20.79 -3.21 23.32
N VAL C 226 19.97 -4.07 22.70
CA VAL C 226 18.54 -3.83 22.68
C VAL C 226 17.82 -4.93 23.49
N THR C 227 17.16 -4.46 24.55
CA THR C 227 16.39 -5.30 25.48
C THR C 227 14.90 -5.20 25.15
N HIS C 228 14.28 -6.34 24.94
CA HIS C 228 12.88 -6.37 24.60
C HIS C 228 12.19 -7.48 25.39
N GLU C 229 11.29 -7.06 26.28
CA GLU C 229 10.52 -7.95 27.17
C GLU C 229 11.48 -8.92 27.89
N GLY C 230 12.56 -8.38 28.45
CA GLY C 230 13.49 -9.19 29.24
C GLY C 230 14.58 -9.85 28.42
N SER C 231 14.38 -10.12 27.12
CA SER C 231 15.45 -10.66 26.24
C SER C 231 16.28 -9.53 25.65
N THR C 232 17.59 -9.76 25.61
CA THR C 232 18.57 -8.80 25.18
C THR C 232 19.36 -9.37 24.01
N VAL C 233 19.25 -8.73 22.85
CA VAL C 233 20.16 -9.00 21.76
C VAL C 233 21.21 -7.86 21.71
N GLU C 234 22.45 -8.21 21.40
CA GLU C 234 23.53 -7.23 21.35
C GLU C 234 24.22 -7.35 20.00
N LYS C 235 24.66 -6.23 19.42
CA LYS C 235 25.49 -6.30 18.23
C LYS C 235 26.76 -5.50 18.48
N THR C 236 27.83 -5.83 17.75
CA THR C 236 29.17 -5.29 18.07
C THR C 236 29.89 -4.95 16.76
N VAL C 237 30.62 -3.83 16.77
CA VAL C 237 31.43 -3.43 15.63
C VAL C 237 32.77 -2.92 16.15
N ALA C 238 33.82 -3.09 15.33
CA ALA C 238 35.17 -2.73 15.72
C ALA C 238 35.84 -1.88 14.62
N PRO C 239 36.70 -0.91 15.02
CA PRO C 239 37.36 -0.05 14.05
C PRO C 239 38.29 -0.82 13.09
N THR C 240 38.63 -2.07 13.42
CA THR C 240 39.50 -2.84 12.53
C THR C 240 38.72 -3.30 11.29
N TYR D 2 -17.49 -62.47 -5.77
CA TYR D 2 -16.03 -62.17 -5.64
C TYR D 2 -15.71 -60.82 -6.30
N PRO D 3 -15.85 -59.71 -5.53
CA PRO D 3 -15.48 -58.36 -5.99
C PRO D 3 -13.98 -58.07 -5.81
N GLN D 4 -13.37 -57.59 -6.88
CA GLN D 4 -11.93 -57.27 -6.89
C GLN D 4 -11.73 -55.79 -6.53
N GLN D 5 -10.57 -55.47 -5.95
CA GLN D 5 -10.25 -54.06 -5.60
C GLN D 5 -8.92 -53.68 -6.22
N ALA D 6 -8.86 -52.53 -6.91
CA ALA D 6 -7.56 -51.99 -7.31
C ALA D 6 -6.71 -51.71 -6.04
N PRO D 7 -5.39 -51.73 -6.18
CA PRO D 7 -4.58 -51.44 -4.99
C PRO D 7 -4.85 -50.02 -4.49
N TYR D 8 -4.86 -49.79 -3.18
CA TYR D 8 -4.88 -48.45 -2.63
C TYR D 8 -3.94 -48.37 -1.43
N TRP D 9 -3.54 -47.14 -1.12
CA TRP D 9 -2.67 -46.81 0.03
C TRP D 9 -3.45 -47.00 1.33
N THR D 10 -2.83 -47.63 2.33
CA THR D 10 -3.56 -47.90 3.59
C THR D 10 -3.08 -46.98 4.71
N HIS D 11 -2.00 -46.22 4.47
CA HIS D 11 -1.50 -45.28 5.47
C HIS D 11 -0.92 -44.06 4.75
N PRO D 12 -1.80 -43.28 4.08
CA PRO D 12 -1.30 -42.17 3.28
C PRO D 12 -0.43 -41.21 4.13
N GLN D 13 -0.70 -41.11 5.42
CA GLN D 13 -0.02 -40.11 6.23
C GLN D 13 1.43 -40.53 6.47
N ARG D 14 1.68 -41.83 6.37
CA ARG D 14 3.05 -42.32 6.56
C ARG D 14 3.92 -41.94 5.35
N MET D 15 3.32 -41.48 4.26
CA MET D 15 4.04 -41.29 2.99
C MET D 15 4.37 -39.81 2.72
N GLU D 16 3.95 -38.92 3.61
CA GLU D 16 3.91 -37.48 3.29
C GLU D 16 5.34 -36.91 3.17
N LYS D 17 6.28 -37.43 3.94
CA LYS D 17 7.65 -36.96 3.85
C LYS D 17 8.25 -37.46 2.53
N LYS D 18 7.99 -36.73 1.43
CA LYS D 18 8.38 -37.21 0.10
C LYS D 18 9.89 -37.03 -0.16
N LEU D 19 10.49 -35.99 0.40
CA LEU D 19 11.90 -35.66 0.17
C LEU D 19 12.69 -36.02 1.44
N HIS D 20 13.68 -36.91 1.29
CA HIS D 20 14.57 -37.31 2.36
C HIS D 20 16.00 -36.84 2.07
N ALA D 21 16.45 -35.82 2.80
CA ALA D 21 17.86 -35.43 2.86
C ALA D 21 18.43 -35.98 4.17
N VAL D 22 19.46 -36.84 4.08
CA VAL D 22 20.06 -37.48 5.28
C VAL D 22 21.60 -37.49 5.16
N PRO D 23 22.27 -37.44 6.33
CA PRO D 23 23.72 -37.57 6.43
C PRO D 23 24.14 -38.96 5.94
N ALA D 24 25.31 -39.04 5.30
CA ALA D 24 25.87 -40.34 4.95
C ALA D 24 25.87 -41.23 6.19
N GLY D 25 25.56 -42.50 6.01
CA GLY D 25 25.61 -43.45 7.12
C GLY D 25 24.28 -43.59 7.84
N ASN D 26 23.24 -42.87 7.40
CA ASN D 26 21.92 -43.04 7.98
C ASN D 26 21.18 -44.23 7.37
N THR D 27 20.23 -44.77 8.13
CA THR D 27 19.20 -45.69 7.61
C THR D 27 18.04 -44.83 7.08
N VAL D 28 17.52 -45.21 5.91
CA VAL D 28 16.29 -44.64 5.40
C VAL D 28 15.31 -45.80 5.23
N LYS D 29 14.05 -45.48 5.50
CA LYS D 29 12.96 -46.39 5.36
C LYS D 29 11.90 -45.72 4.46
N PHE D 30 11.63 -46.32 3.29
CA PHE D 30 10.52 -45.86 2.42
C PHE D 30 9.32 -46.80 2.56
N ARG D 31 8.17 -46.22 2.91
CA ARG D 31 6.97 -46.98 3.21
C ARG D 31 5.96 -46.82 2.07
N CYS D 32 5.38 -47.94 1.62
CA CYS D 32 4.31 -47.84 0.64
C CYS D 32 3.22 -48.86 0.96
N PRO D 33 2.65 -48.82 2.19
CA PRO D 33 1.64 -49.79 2.61
C PRO D 33 0.41 -49.73 1.68
N ALA D 34 -0.03 -50.87 1.19
CA ALA D 34 -1.11 -50.92 0.25
C ALA D 34 -2.03 -52.09 0.61
N ALA D 35 -3.18 -52.14 -0.08
CA ALA D 35 -4.13 -53.26 0.03
C ALA D 35 -4.87 -53.37 -1.31
N GLY D 36 -5.58 -54.48 -1.50
CA GLY D 36 -6.31 -54.72 -2.76
C GLY D 36 -6.65 -56.19 -2.87
N ASN D 37 -7.36 -56.59 -3.92
CA ASN D 37 -7.71 -58.02 -4.09
C ASN D 37 -7.81 -58.27 -5.60
N PRO D 38 -6.95 -59.15 -6.13
CA PRO D 38 -5.99 -59.96 -5.32
C PRO D 38 -4.99 -59.11 -4.51
N THR D 39 -4.31 -59.70 -3.52
CA THR D 39 -3.31 -58.96 -2.77
C THR D 39 -2.31 -58.38 -3.77
N PRO D 40 -1.97 -57.09 -3.61
CA PRO D 40 -1.05 -56.58 -4.62
C PRO D 40 0.40 -56.98 -4.28
N THR D 41 1.26 -56.95 -5.28
CA THR D 41 2.69 -57.10 -5.05
C THR D 41 3.35 -55.72 -5.14
N ILE D 42 4.58 -55.65 -4.67
CA ILE D 42 5.31 -54.40 -4.66
C ILE D 42 6.73 -54.67 -5.13
N ARG D 43 7.23 -53.80 -5.99
CA ARG D 43 8.66 -53.79 -6.30
C ARG D 43 9.11 -52.33 -6.40
N TRP D 44 10.42 -52.16 -6.49
CA TRP D 44 11.00 -50.81 -6.35
C TRP D 44 11.86 -50.51 -7.57
N LEU D 45 11.76 -49.28 -8.05
CA LEU D 45 12.64 -48.80 -9.10
C LEU D 45 13.63 -47.82 -8.45
N LYS D 46 14.87 -47.80 -8.94
CA LYS D 46 15.76 -46.68 -8.65
C LYS D 46 16.01 -45.94 -9.96
N ASP D 47 15.70 -44.65 -9.99
CA ASP D 47 15.81 -43.85 -11.22
C ASP D 47 15.13 -44.50 -12.45
N GLY D 48 13.99 -45.14 -12.20
CA GLY D 48 13.22 -45.76 -13.26
C GLY D 48 13.70 -47.16 -13.62
N GLN D 49 14.73 -47.66 -12.96
CA GLN D 49 15.21 -49.01 -13.24
C GLN D 49 14.81 -49.95 -12.10
N ALA D 50 14.42 -51.19 -12.44
CA ALA D 50 14.19 -52.21 -11.43
C ALA D 50 15.32 -52.16 -10.39
N PHE D 51 14.96 -52.24 -9.13
CA PHE D 51 15.94 -52.16 -8.08
C PHE D 51 15.83 -53.40 -7.17
N HIS D 52 16.89 -54.19 -7.14
CA HIS D 52 17.08 -55.21 -6.09
C HIS D 52 18.37 -54.85 -5.33
N GLY D 53 18.46 -55.21 -4.07
CA GLY D 53 19.60 -54.71 -3.31
C GLY D 53 20.93 -55.19 -3.85
N GLU D 54 20.84 -56.24 -4.69
CA GLU D 54 21.96 -57.13 -5.04
C GLU D 54 23.16 -56.33 -5.56
N ASN D 55 22.91 -55.13 -6.08
CA ASN D 55 24.02 -54.36 -6.65
C ASN D 55 24.46 -53.21 -5.75
N ARG D 56 23.86 -53.03 -4.57
CA ARG D 56 24.24 -51.90 -3.73
C ARG D 56 25.03 -52.38 -2.51
N ILE D 57 25.92 -51.52 -2.05
CA ILE D 57 26.75 -51.77 -0.89
C ILE D 57 25.83 -51.95 0.33
N GLY D 58 25.90 -53.16 0.91
CA GLY D 58 25.17 -53.50 2.13
C GLY D 58 23.79 -54.08 1.83
N GLY D 59 23.47 -54.19 0.55
CA GLY D 59 22.16 -54.74 0.15
C GLY D 59 21.02 -53.94 0.75
N ILE D 60 19.89 -54.62 0.92
CA ILE D 60 18.59 -54.07 1.24
C ILE D 60 17.98 -54.95 2.34
N ARG D 61 17.18 -54.36 3.24
CA ARG D 61 16.16 -55.13 4.01
C ARG D 61 14.76 -54.78 3.45
N LEU D 62 13.94 -55.78 3.13
CA LEU D 62 12.57 -55.56 2.55
C LEU D 62 11.51 -56.33 3.35
N ARG D 63 10.43 -55.66 3.73
CA ARG D 63 9.29 -56.36 4.31
C ARG D 63 8.09 -56.27 3.37
N HIS D 64 7.75 -57.37 2.68
CA HIS D 64 6.56 -57.43 1.78
C HIS D 64 5.28 -57.22 2.60
N GLN D 65 5.27 -57.78 3.81
CA GLN D 65 4.13 -57.64 4.73
C GLN D 65 4.31 -56.42 5.64
N HIS D 66 5.26 -55.55 5.27
CA HIS D 66 5.39 -54.18 5.82
C HIS D 66 5.58 -53.13 4.71
N TRP D 67 5.69 -53.59 3.43
CA TRP D 67 5.68 -52.77 2.17
C TRP D 67 6.75 -51.66 2.17
N SER D 68 7.95 -51.95 2.64
CA SER D 68 8.97 -50.92 2.77
C SER D 68 10.33 -51.35 2.20
N LEU D 69 11.08 -50.34 1.76
CA LEU D 69 12.46 -50.44 1.39
C LEU D 69 13.30 -49.76 2.48
N VAL D 70 14.22 -50.53 3.06
CA VAL D 70 15.10 -50.05 4.13
C VAL D 70 16.53 -50.15 3.61
N MET D 71 17.28 -49.07 3.76
CA MET D 71 18.66 -49.08 3.34
C MET D 71 19.49 -48.56 4.51
N GLU D 72 20.38 -49.41 5.00
CA GLU D 72 21.21 -49.06 6.14
C GLU D 72 22.50 -48.42 5.61
N SER D 73 23.08 -47.52 6.40
CA SER D 73 24.30 -46.81 6.03
C SER D 73 24.25 -46.36 4.57
N VAL D 74 23.48 -45.29 4.31
CA VAL D 74 23.39 -44.72 2.96
C VAL D 74 24.71 -44.01 2.62
N VAL D 75 25.09 -44.06 1.35
CA VAL D 75 26.28 -43.41 0.79
C VAL D 75 25.85 -42.52 -0.38
N PRO D 76 26.75 -41.62 -0.85
CA PRO D 76 26.42 -40.72 -1.97
C PRO D 76 25.78 -41.41 -3.18
N SER D 77 26.20 -42.62 -3.53
CA SER D 77 25.69 -43.27 -4.74
C SER D 77 24.26 -43.81 -4.52
N ASP D 78 23.72 -43.71 -3.32
CA ASP D 78 22.32 -44.06 -3.09
C ASP D 78 21.34 -42.93 -3.53
N ARG D 79 21.90 -41.79 -3.94
CA ARG D 79 21.07 -40.63 -4.25
C ARG D 79 20.22 -40.97 -5.47
N GLY D 80 18.97 -40.57 -5.43
CA GLY D 80 18.14 -40.81 -6.59
C GLY D 80 16.69 -40.79 -6.20
N THR D 81 15.89 -41.30 -7.14
CA THR D 81 14.45 -41.43 -7.00
C THR D 81 14.11 -42.90 -6.78
N TYR D 82 13.30 -43.17 -5.74
CA TYR D 82 12.81 -44.50 -5.43
C TYR D 82 11.29 -44.53 -5.66
N THR D 83 10.89 -45.42 -6.57
CA THR D 83 9.48 -45.65 -6.89
C THR D 83 9.04 -47.01 -6.33
N CYS D 84 7.93 -47.01 -5.60
CA CYS D 84 7.27 -48.27 -5.25
C CYS D 84 6.11 -48.47 -6.24
N LEU D 85 6.14 -49.59 -6.96
CA LEU D 85 5.08 -49.99 -7.88
C LEU D 85 4.26 -51.07 -7.18
N VAL D 86 3.02 -50.76 -6.86
CA VAL D 86 2.14 -51.72 -6.21
C VAL D 86 1.10 -52.14 -7.25
N GLU D 87 1.03 -53.45 -7.54
CA GLU D 87 0.29 -53.96 -8.72
C GLU D 87 -0.52 -55.20 -8.32
N ASN D 88 -1.72 -55.31 -8.90
CA ASN D 88 -2.46 -56.57 -8.91
C ASN D 88 -3.10 -56.75 -10.29
N ALA D 89 -3.78 -57.89 -10.50
CA ALA D 89 -4.42 -58.26 -11.80
C ALA D 89 -5.32 -57.14 -12.33
N VAL D 90 -5.68 -56.19 -11.48
CA VAL D 90 -6.85 -55.32 -11.68
C VAL D 90 -6.44 -53.85 -11.68
N GLY D 91 -5.19 -53.55 -11.31
CA GLY D 91 -4.77 -52.16 -11.31
C GLY D 91 -3.40 -51.97 -10.70
N SER D 92 -2.96 -50.73 -10.69
CA SER D 92 -1.57 -50.41 -10.40
C SER D 92 -1.47 -49.00 -9.83
N ILE D 93 -0.64 -48.79 -8.80
CA ILE D 93 -0.38 -47.47 -8.20
C ILE D 93 1.13 -47.29 -8.01
N ARG D 94 1.64 -46.06 -8.01
CA ARG D 94 3.07 -45.81 -7.77
C ARG D 94 3.27 -44.59 -6.88
N TYR D 95 4.34 -44.57 -6.10
CA TYR D 95 4.73 -43.38 -5.34
C TYR D 95 6.24 -43.20 -5.43
N ASN D 96 6.71 -41.94 -5.56
CA ASN D 96 8.17 -41.64 -5.58
C ASN D 96 8.64 -41.02 -4.25
N TYR D 97 9.74 -41.53 -3.71
CA TYR D 97 10.49 -40.82 -2.67
C TYR D 97 11.77 -40.27 -3.30
N LEU D 98 12.12 -39.05 -2.93
CA LEU D 98 13.34 -38.46 -3.42
C LEU D 98 14.38 -38.56 -2.31
N LEU D 99 15.56 -39.12 -2.61
CA LEU D 99 16.56 -39.33 -1.57
C LEU D 99 17.82 -38.51 -1.88
N ASP D 100 18.26 -37.74 -0.90
CA ASP D 100 19.56 -37.12 -0.95
C ASP D 100 20.50 -37.61 0.19
N VAL D 101 21.76 -37.74 -0.14
CA VAL D 101 22.80 -38.04 0.84
C VAL D 101 23.72 -36.83 0.91
N LEU D 102 23.68 -36.17 2.06
CA LEU D 102 24.31 -34.86 2.23
C LEU D 102 25.83 -35.00 2.18
N GLU E 25 16.45 -14.56 8.97
CA GLU E 25 15.36 -15.11 8.11
C GLU E 25 15.96 -15.76 6.87
N VAL E 26 15.11 -16.46 6.10
CA VAL E 26 15.44 -17.01 4.77
C VAL E 26 15.27 -15.90 3.72
N GLN E 27 16.32 -15.55 3.02
CA GLN E 27 16.22 -14.64 1.89
C GLN E 27 16.70 -15.40 0.64
N LEU E 28 15.95 -15.26 -0.44
CA LEU E 28 16.38 -15.74 -1.76
C LEU E 28 16.30 -14.55 -2.72
N LEU E 29 17.29 -14.39 -3.59
CA LEU E 29 17.36 -13.22 -4.47
C LEU E 29 17.86 -13.69 -5.83
N GLU E 30 17.02 -13.52 -6.84
CA GLU E 30 17.33 -13.89 -8.23
C GLU E 30 18.07 -12.75 -8.95
N SER E 31 18.83 -13.10 -9.99
CA SER E 31 19.47 -12.20 -10.96
C SER E 31 19.56 -12.89 -12.32
N GLY E 32 19.80 -12.12 -13.37
CA GLY E 32 20.20 -12.71 -14.62
C GLY E 32 19.11 -12.52 -15.66
N GLY E 33 17.92 -12.12 -15.21
CA GLY E 33 16.81 -11.86 -16.14
C GLY E 33 17.23 -10.85 -17.20
N GLY E 34 16.72 -11.05 -18.42
CA GLY E 34 16.78 -10.04 -19.50
C GLY E 34 16.07 -10.57 -20.73
N LEU E 35 16.31 -9.90 -21.86
CA LEU E 35 15.71 -10.26 -23.16
C LEU E 35 16.67 -11.19 -23.93
N VAL E 36 16.11 -12.17 -24.61
CA VAL E 36 16.91 -13.09 -25.38
C VAL E 36 16.13 -13.40 -26.67
N GLN E 37 16.87 -13.68 -27.74
CA GLN E 37 16.29 -14.12 -28.99
C GLN E 37 16.00 -15.62 -28.92
N PRO E 38 14.92 -16.08 -29.58
CA PRO E 38 14.60 -17.51 -29.71
C PRO E 38 15.84 -18.26 -30.18
N GLY E 39 16.10 -19.41 -29.57
CA GLY E 39 17.27 -20.19 -29.87
C GLY E 39 18.43 -19.84 -28.96
N GLY E 40 18.31 -18.74 -28.21
CA GLY E 40 19.43 -18.26 -27.42
C GLY E 40 19.50 -18.89 -26.04
N SER E 41 20.50 -18.44 -25.27
CA SER E 41 20.83 -18.93 -23.95
C SER E 41 20.75 -17.80 -22.93
N LEU E 42 20.42 -18.16 -21.69
CA LEU E 42 20.52 -17.27 -20.57
C LEU E 42 20.79 -18.12 -19.32
N ARG E 43 21.61 -17.60 -18.41
CA ARG E 43 21.78 -18.28 -17.12
C ARG E 43 21.20 -17.42 -16.00
N LEU E 44 20.28 -17.99 -15.22
CA LEU E 44 19.74 -17.31 -14.03
C LEU E 44 20.53 -17.79 -12.81
N SER E 45 20.61 -16.95 -11.79
CA SER E 45 21.14 -17.35 -10.50
C SER E 45 20.22 -16.88 -9.37
N CYS E 46 20.37 -17.54 -8.23
CA CYS E 46 19.62 -17.20 -7.06
C CYS E 46 20.54 -17.31 -5.84
N ALA E 47 20.66 -16.23 -5.09
CA ALA E 47 21.47 -16.21 -3.88
C ALA E 47 20.57 -16.54 -2.70
N ALA E 48 21.13 -17.26 -1.72
CA ALA E 48 20.38 -17.70 -0.55
C ALA E 48 21.16 -17.40 0.75
N SER E 49 20.41 -17.16 1.82
CA SER E 49 21.01 -16.83 3.11
C SER E 49 20.00 -17.22 4.18
N GLY E 50 20.49 -17.45 5.40
CA GLY E 50 19.63 -17.62 6.55
C GLY E 50 19.29 -19.07 6.82
N PHE E 51 20.00 -19.99 6.18
CA PHE E 51 19.79 -21.39 6.43
C PHE E 51 20.97 -22.18 5.88
N THR E 52 21.12 -23.44 6.28
CA THR E 52 22.11 -24.29 5.63
C THR E 52 21.64 -24.66 4.21
N PHE E 53 22.13 -23.90 3.25
CA PHE E 53 21.77 -24.01 1.84
C PHE E 53 21.87 -25.45 1.32
N SER E 54 22.97 -26.14 1.67
CA SER E 54 23.27 -27.43 1.06
C SER E 54 22.36 -28.56 1.56
N ASP E 55 21.59 -28.32 2.63
CA ASP E 55 20.62 -29.31 3.14
C ASP E 55 19.31 -29.40 2.32
N TYR E 56 19.04 -28.36 1.53
CA TYR E 56 17.69 -28.12 1.03
C TYR E 56 17.58 -28.39 -0.47
N TYR E 57 16.54 -29.14 -0.84
CA TYR E 57 16.06 -29.10 -2.21
C TYR E 57 15.63 -27.66 -2.52
N MET E 58 16.02 -27.18 -3.72
CA MET E 58 15.66 -25.86 -4.25
C MET E 58 14.97 -26.05 -5.61
N SER E 59 14.01 -25.18 -5.93
CA SER E 59 13.26 -25.24 -7.17
C SER E 59 13.36 -23.92 -7.95
N TRP E 60 13.19 -23.99 -9.28
CA TRP E 60 12.80 -22.86 -10.14
C TRP E 60 11.33 -23.03 -10.53
N ILE E 61 10.55 -21.99 -10.24
CA ILE E 61 9.14 -21.93 -10.58
C ILE E 61 8.89 -20.64 -11.39
N ARG E 62 8.10 -20.74 -12.47
CA ARG E 62 7.98 -19.60 -13.37
C ARG E 62 6.50 -19.19 -13.51
N GLN E 63 6.26 -17.90 -13.78
CA GLN E 63 4.94 -17.35 -14.05
C GLN E 63 5.02 -16.40 -15.26
N ALA E 64 4.41 -16.79 -16.38
CA ALA E 64 4.26 -15.88 -17.49
C ALA E 64 3.33 -14.71 -17.07
N PRO E 65 3.52 -13.54 -17.69
CA PRO E 65 2.75 -12.34 -17.31
C PRO E 65 1.24 -12.61 -17.45
N GLY E 66 0.51 -12.47 -16.34
CA GLY E 66 -0.96 -12.71 -16.27
C GLY E 66 -1.35 -14.18 -16.38
N LYS E 67 -0.40 -15.11 -16.22
CA LYS E 67 -0.71 -16.51 -16.36
C LYS E 67 -0.40 -17.23 -15.04
N GLY E 68 -0.41 -18.57 -15.04
CA GLY E 68 -0.34 -19.35 -13.77
C GLY E 68 1.09 -19.71 -13.38
N LEU E 69 1.24 -20.23 -12.15
CA LEU E 69 2.52 -20.79 -11.64
C LEU E 69 2.84 -22.10 -12.37
N GLU E 70 4.10 -22.27 -12.73
CA GLU E 70 4.50 -23.43 -13.49
C GLU E 70 5.89 -23.87 -13.02
N TRP E 71 5.96 -25.11 -12.57
CA TRP E 71 7.20 -25.66 -12.04
C TRP E 71 8.18 -25.95 -13.18
N VAL E 72 9.45 -25.56 -12.98
CA VAL E 72 10.45 -25.69 -14.03
C VAL E 72 11.41 -26.84 -13.71
N SER E 73 11.96 -26.86 -12.50
CA SER E 73 13.04 -27.74 -12.16
C SER E 73 13.27 -27.73 -10.65
N THR E 74 13.95 -28.77 -10.17
CA THR E 74 14.28 -28.97 -8.76
C THR E 74 15.65 -29.64 -8.69
N ILE E 75 16.42 -29.24 -7.67
CA ILE E 75 17.70 -29.86 -7.43
C ILE E 75 17.80 -30.18 -5.92
N SER E 76 18.39 -31.34 -5.61
CA SER E 76 18.62 -31.78 -4.24
C SER E 76 19.70 -30.92 -3.57
N GLY E 77 19.65 -30.80 -2.24
CA GLY E 77 20.71 -30.22 -1.41
C GLY E 77 22.10 -30.41 -1.98
N SER E 78 22.49 -31.66 -2.22
CA SER E 78 23.85 -32.00 -2.66
C SER E 78 24.03 -31.65 -4.15
N GLY E 79 22.94 -31.58 -4.91
CA GLY E 79 23.06 -31.37 -6.35
C GLY E 79 23.17 -32.68 -7.12
N GLY E 80 23.10 -33.80 -6.41
CA GLY E 80 23.31 -35.10 -7.04
C GLY E 80 22.08 -35.69 -7.73
N SER E 81 20.94 -35.02 -7.61
CA SER E 81 19.66 -35.42 -8.25
C SER E 81 19.00 -34.17 -8.84
N THR E 82 18.42 -34.33 -10.01
CA THR E 82 17.98 -33.23 -10.81
C THR E 82 16.63 -33.62 -11.42
N TYR E 83 15.64 -32.71 -11.46
CA TYR E 83 14.28 -33.03 -11.90
C TYR E 83 13.80 -31.93 -12.86
N TYR E 84 13.10 -32.30 -13.94
CA TYR E 84 12.75 -31.31 -14.94
C TYR E 84 11.32 -31.48 -15.43
N ALA E 85 10.66 -30.33 -15.61
CA ALA E 85 9.42 -30.27 -16.34
C ALA E 85 9.69 -30.82 -17.74
N ASP E 86 8.72 -31.54 -18.33
CA ASP E 86 8.97 -32.19 -19.63
C ASP E 86 9.32 -31.22 -20.75
N SER E 87 8.72 -30.04 -20.69
CA SER E 87 8.91 -29.04 -21.72
C SER E 87 10.30 -28.38 -21.63
N VAL E 88 11.05 -28.55 -20.53
CA VAL E 88 12.39 -27.96 -20.52
C VAL E 88 13.48 -29.04 -20.57
N LYS E 89 13.11 -30.32 -20.53
CA LYS E 89 14.08 -31.44 -20.57
C LYS E 89 14.93 -31.31 -21.84
N GLY E 90 16.24 -31.37 -21.67
CA GLY E 90 17.19 -31.26 -22.78
C GLY E 90 17.59 -29.82 -23.10
N ARG E 91 16.89 -28.83 -22.54
CA ARG E 91 17.16 -27.43 -22.84
C ARG E 91 17.64 -26.69 -21.57
N PHE E 92 17.08 -27.03 -20.41
CA PHE E 92 17.48 -26.37 -19.15
C PHE E 92 18.35 -27.31 -18.33
N THR E 93 19.27 -26.72 -17.56
CA THR E 93 20.08 -27.43 -16.58
C THR E 93 20.07 -26.66 -15.26
N ILE E 94 19.48 -27.26 -14.23
CA ILE E 94 19.55 -26.73 -12.89
C ILE E 94 20.87 -27.18 -12.26
N SER E 95 21.51 -26.28 -11.50
CA SER E 95 22.74 -26.67 -10.80
C SER E 95 22.93 -25.75 -9.60
N ARG E 96 23.92 -26.04 -8.76
CA ARG E 96 24.17 -25.20 -7.59
C ARG E 96 25.66 -25.19 -7.25
N ASP E 97 26.10 -24.13 -6.59
CA ASP E 97 27.43 -24.07 -6.00
C ASP E 97 27.25 -23.84 -4.51
N ASN E 98 27.47 -24.89 -3.74
CA ASN E 98 27.05 -24.95 -2.35
C ASN E 98 27.94 -24.08 -1.47
N SER E 99 29.19 -23.88 -1.92
CA SER E 99 30.14 -23.05 -1.22
C SER E 99 29.83 -21.56 -1.45
N LYS E 100 29.12 -21.23 -2.53
CA LYS E 100 28.78 -19.84 -2.85
C LYS E 100 27.32 -19.54 -2.49
N ASN E 101 26.62 -20.54 -1.94
CA ASN E 101 25.22 -20.37 -1.55
C ASN E 101 24.37 -19.94 -2.75
N THR E 102 24.66 -20.51 -3.93
CA THR E 102 24.07 -20.02 -5.16
C THR E 102 23.43 -21.18 -5.93
N LEU E 103 22.18 -20.97 -6.34
CA LEU E 103 21.45 -21.85 -7.25
C LEU E 103 21.51 -21.24 -8.66
N TYR E 104 21.63 -22.06 -9.72
CA TYR E 104 21.64 -21.55 -11.12
C TYR E 104 20.60 -22.29 -11.99
N LEU E 105 20.20 -21.64 -13.08
CA LEU E 105 19.42 -22.28 -14.15
C LEU E 105 20.03 -21.84 -15.48
N GLN E 106 20.74 -22.77 -16.13
CA GLN E 106 21.20 -22.56 -17.48
C GLN E 106 20.02 -22.84 -18.43
N MET E 107 19.68 -21.86 -19.24
CA MET E 107 18.58 -22.04 -20.17
C MET E 107 19.13 -21.94 -21.60
N ASN E 108 18.93 -23.00 -22.38
CA ASN E 108 19.38 -23.05 -23.76
C ASN E 108 18.16 -23.25 -24.64
N SER E 109 18.32 -23.07 -25.95
CA SER E 109 17.22 -23.21 -26.93
C SER E 109 15.94 -22.52 -26.44
N LEU E 110 16.06 -21.26 -26.01
CA LEU E 110 14.92 -20.58 -25.46
C LEU E 110 13.84 -20.41 -26.54
N ARG E 111 12.58 -20.43 -26.14
CA ARG E 111 11.52 -20.05 -27.08
C ARG E 111 10.52 -19.12 -26.39
N ALA E 112 9.73 -18.46 -27.23
CA ALA E 112 8.77 -17.45 -26.83
C ALA E 112 8.01 -17.90 -25.57
N GLU E 113 7.60 -19.18 -25.54
CA GLU E 113 6.79 -19.85 -24.49
C GLU E 113 7.55 -19.84 -23.15
N ASP E 114 8.86 -19.65 -23.22
CA ASP E 114 9.67 -19.55 -22.02
C ASP E 114 9.57 -18.17 -21.31
N THR E 115 8.95 -17.16 -21.94
CA THR E 115 8.82 -15.80 -21.32
C THR E 115 8.07 -15.91 -19.98
N ALA E 116 8.63 -15.32 -18.93
CA ALA E 116 8.00 -15.48 -17.63
C ALA E 116 8.89 -14.85 -16.56
N VAL E 117 8.31 -14.62 -15.40
CA VAL E 117 9.07 -14.32 -14.21
C VAL E 117 9.53 -15.66 -13.62
N TYR E 118 10.82 -15.79 -13.38
CA TYR E 118 11.39 -17.00 -12.83
C TYR E 118 11.72 -16.78 -11.35
N TYR E 119 11.07 -17.58 -10.49
CA TYR E 119 11.28 -17.55 -9.05
C TYR E 119 12.14 -18.74 -8.64
N CYS E 120 12.97 -18.47 -7.67
CA CYS E 120 13.75 -19.45 -6.97
C CYS E 120 12.96 -19.77 -5.69
N ALA E 121 13.06 -20.99 -5.22
CA ALA E 121 12.17 -21.47 -4.15
C ALA E 121 12.85 -22.57 -3.33
N ARG E 122 12.61 -22.56 -2.02
CA ARG E 122 13.08 -23.60 -1.12
C ARG E 122 11.93 -24.54 -0.79
N LEU E 123 12.22 -25.85 -0.77
CA LEU E 123 11.26 -26.95 -0.53
C LEU E 123 11.53 -27.61 0.83
N THR E 124 10.46 -27.94 1.55
CA THR E 124 10.55 -28.68 2.81
C THR E 124 10.62 -30.19 2.50
N ALA E 125 10.76 -31.00 3.54
CA ALA E 125 10.79 -32.46 3.38
C ALA E 125 9.41 -32.94 2.91
N TYR E 126 8.40 -32.09 3.00
CA TYR E 126 7.01 -32.48 2.62
C TYR E 126 6.73 -32.12 1.15
N GLY E 127 7.70 -31.50 0.49
CA GLY E 127 7.63 -31.20 -0.96
C GLY E 127 7.15 -29.80 -1.31
N HIS E 128 6.57 -29.06 -0.36
CA HIS E 128 6.02 -27.72 -0.63
C HIS E 128 7.09 -26.63 -0.48
N VAL E 129 6.79 -25.46 -1.06
CA VAL E 129 7.61 -24.24 -0.94
C VAL E 129 7.28 -23.57 0.39
N ASP E 130 8.32 -23.28 1.15
CA ASP E 130 8.19 -22.52 2.36
C ASP E 130 8.94 -21.20 2.26
N SER E 131 9.54 -20.93 1.10
CA SER E 131 10.25 -19.67 0.90
C SER E 131 10.43 -19.39 -0.61
N TRP E 132 10.09 -18.18 -1.06
CA TRP E 132 10.17 -17.76 -2.48
C TRP E 132 11.12 -16.57 -2.61
N GLY E 133 11.61 -16.33 -3.83
CA GLY E 133 12.39 -15.14 -4.15
C GLY E 133 11.49 -14.05 -4.67
N GLN E 134 12.06 -13.05 -5.32
CA GLN E 134 11.34 -11.84 -5.79
C GLN E 134 10.90 -12.09 -7.22
N GLY E 135 11.67 -12.93 -7.90
CA GLY E 135 11.46 -13.20 -9.30
C GLY E 135 12.43 -12.39 -10.14
N THR E 136 12.73 -12.91 -11.31
CA THR E 136 13.49 -12.22 -12.30
C THR E 136 12.80 -12.46 -13.65
N LEU E 137 12.68 -11.43 -14.47
CA LEU E 137 11.88 -11.45 -15.70
C LEU E 137 12.78 -11.90 -16.83
N VAL E 138 12.30 -12.87 -17.60
CA VAL E 138 13.00 -13.31 -18.77
C VAL E 138 12.06 -13.13 -19.96
N THR E 139 12.55 -12.46 -21.01
CA THR E 139 11.72 -12.21 -22.17
C THR E 139 12.38 -12.91 -23.36
N VAL E 140 11.62 -13.75 -24.05
CA VAL E 140 12.15 -14.39 -25.22
C VAL E 140 11.36 -13.90 -26.43
N SER E 141 12.01 -13.14 -27.29
CA SER E 141 11.31 -12.47 -28.34
C SER E 141 12.28 -12.23 -29.48
N SER E 142 11.71 -12.24 -30.69
CA SER E 142 12.48 -11.88 -31.88
C SER E 142 12.62 -10.34 -31.97
N ALA E 143 11.87 -9.56 -31.19
CA ALA E 143 12.01 -8.10 -31.20
C ALA E 143 13.25 -7.70 -30.40
N SER E 144 13.96 -6.70 -30.88
CA SER E 144 15.15 -6.19 -30.20
C SER E 144 14.72 -5.15 -29.15
N THR E 145 15.58 -4.89 -28.16
CA THR E 145 15.35 -3.83 -27.19
C THR E 145 15.14 -2.51 -27.94
N LYS E 146 14.25 -1.69 -27.42
CA LYS E 146 13.95 -0.41 -28.01
C LYS E 146 13.56 0.55 -26.89
N GLY E 147 14.28 1.66 -26.77
CA GLY E 147 13.90 2.68 -25.82
C GLY E 147 12.62 3.39 -26.23
N PRO E 148 11.96 4.05 -25.26
CA PRO E 148 10.69 4.73 -25.52
C PRO E 148 10.93 6.14 -26.08
N SER E 149 10.05 6.58 -26.96
CA SER E 149 10.04 7.99 -27.27
C SER E 149 8.91 8.63 -26.45
N VAL E 150 9.27 9.69 -25.75
CA VAL E 150 8.44 10.22 -24.68
C VAL E 150 7.73 11.47 -25.19
N PHE E 151 6.42 11.50 -25.02
CA PHE E 151 5.61 12.54 -25.61
C PHE E 151 4.87 13.25 -24.48
N PRO E 152 4.85 14.59 -24.49
CA PRO E 152 4.20 15.38 -23.45
C PRO E 152 2.68 15.24 -23.60
N LEU E 153 2.00 15.09 -22.46
CA LEU E 153 0.55 15.20 -22.38
C LEU E 153 0.25 16.56 -21.72
N ALA E 154 0.15 17.59 -22.57
CA ALA E 154 0.00 18.99 -22.15
C ALA E 154 -1.38 19.21 -21.54
N PRO E 155 -1.42 20.06 -20.49
CA PRO E 155 -2.67 20.43 -19.88
C PRO E 155 -3.40 21.45 -20.76
N SER E 156 -4.76 21.40 -20.76
CA SER E 156 -5.63 22.51 -21.22
C SER E 156 -5.17 23.85 -20.63
N GLY E 162 -10.13 25.32 -14.49
CA GLY E 162 -10.02 26.11 -13.27
C GLY E 162 -9.41 25.31 -12.12
N GLY E 163 -8.34 25.88 -11.53
CA GLY E 163 -7.82 25.43 -10.25
C GLY E 163 -6.70 24.42 -10.40
N THR E 164 -7.02 23.34 -11.12
CA THR E 164 -6.24 22.11 -11.16
C THR E 164 -5.99 21.71 -12.62
N ALA E 165 -4.77 21.28 -12.93
CA ALA E 165 -4.48 20.78 -14.27
C ALA E 165 -3.79 19.42 -14.21
N ALA E 166 -4.24 18.52 -15.08
CA ALA E 166 -3.62 17.21 -15.30
C ALA E 166 -2.62 17.31 -16.45
N LEU E 167 -1.40 16.86 -16.19
CA LEU E 167 -0.39 16.78 -17.25
C LEU E 167 0.38 15.47 -17.08
N GLY E 168 1.00 14.97 -18.16
CA GLY E 168 1.62 13.69 -18.04
C GLY E 168 2.67 13.50 -19.11
N CYS E 169 3.19 12.27 -19.15
CA CYS E 169 4.12 11.80 -20.18
C CYS E 169 3.58 10.49 -20.79
N LEU E 170 3.48 10.49 -22.11
CA LEU E 170 3.22 9.31 -22.90
C LEU E 170 4.57 8.65 -23.21
N VAL E 171 4.82 7.51 -22.56
CA VAL E 171 6.06 6.74 -22.74
C VAL E 171 5.77 5.65 -23.77
N LYS E 172 6.08 5.91 -25.05
CA LYS E 172 5.51 5.13 -26.13
C LYS E 172 6.53 4.19 -26.77
N ASP E 173 6.05 2.97 -27.08
CA ASP E 173 6.73 2.03 -27.96
C ASP E 173 8.08 1.57 -27.50
N TYR E 174 8.13 0.97 -26.31
CA TYR E 174 9.37 0.47 -25.75
C TYR E 174 9.26 -1.06 -25.61
N PHE E 175 10.42 -1.74 -25.51
CA PHE E 175 10.48 -3.20 -25.38
C PHE E 175 11.86 -3.59 -24.85
N PRO E 176 11.93 -4.55 -23.90
CA PRO E 176 10.75 -5.09 -23.21
C PRO E 176 10.44 -4.23 -21.98
N GLU E 177 9.64 -4.76 -21.05
CA GLU E 177 9.43 -4.14 -19.74
C GLU E 177 10.69 -4.30 -18.87
N PRO E 178 10.86 -3.53 -17.80
CA PRO E 178 10.01 -2.43 -17.34
C PRO E 178 10.58 -1.02 -17.61
N VAL E 179 9.75 0.04 -17.53
CA VAL E 179 10.28 1.40 -17.45
C VAL E 179 9.96 1.95 -16.06
N THR E 180 10.77 2.88 -15.59
CA THR E 180 10.45 3.69 -14.41
C THR E 180 10.21 5.14 -14.84
N VAL E 181 9.29 5.79 -14.16
CA VAL E 181 8.99 7.16 -14.49
C VAL E 181 9.06 7.96 -13.19
N SER E 182 9.80 9.07 -13.17
CA SER E 182 9.66 9.98 -12.04
C SER E 182 9.40 11.41 -12.53
N TRP E 183 9.08 12.31 -11.61
CA TRP E 183 8.85 13.74 -11.96
C TRP E 183 9.84 14.65 -11.22
N ASN E 184 10.41 15.64 -11.91
CA ASN E 184 11.36 16.57 -11.30
C ASN E 184 12.40 15.78 -10.47
N SER E 185 13.04 14.79 -11.08
CA SER E 185 14.10 14.02 -10.43
C SER E 185 13.67 13.48 -9.06
N GLY E 186 12.38 13.24 -8.90
CA GLY E 186 11.85 12.60 -7.72
C GLY E 186 11.41 13.59 -6.64
N ALA E 187 11.44 14.88 -6.94
CA ALA E 187 11.02 15.91 -5.97
C ALA E 187 9.49 16.02 -5.99
N LEU E 188 8.85 15.49 -7.01
CA LEU E 188 7.40 15.59 -7.17
C LEU E 188 6.82 14.16 -7.15
N THR E 189 6.22 13.82 -6.02
CA THR E 189 5.68 12.49 -5.80
C THR E 189 4.18 12.55 -5.53
N SER E 190 3.71 13.67 -4.97
CA SER E 190 2.31 13.83 -4.53
C SER E 190 1.37 13.87 -5.73
N GLY E 191 0.39 12.97 -5.76
CA GLY E 191 -0.60 12.95 -6.85
C GLY E 191 -0.06 12.38 -8.16
N VAL E 192 1.12 11.77 -8.14
CA VAL E 192 1.63 11.11 -9.34
C VAL E 192 0.90 9.76 -9.50
N HIS E 193 0.47 9.44 -10.71
CA HIS E 193 -0.12 8.12 -10.98
C HIS E 193 0.48 7.56 -12.28
N THR E 194 1.28 6.51 -12.15
CA THR E 194 1.87 5.88 -13.31
C THR E 194 1.05 4.62 -13.62
N PHE E 195 0.27 4.69 -14.69
CA PHE E 195 -0.61 3.61 -15.08
C PHE E 195 0.21 2.45 -15.66
N PRO E 196 -0.25 1.19 -15.47
CA PRO E 196 0.38 0.06 -16.14
C PRO E 196 0.31 0.14 -17.67
N ALA E 197 1.26 -0.54 -18.31
CA ALA E 197 1.47 -0.50 -19.74
C ALA E 197 0.52 -1.44 -20.47
N VAL E 198 0.08 -0.98 -21.62
CA VAL E 198 -0.57 -1.78 -22.64
C VAL E 198 0.53 -2.44 -23.49
N LEU E 199 0.19 -3.61 -24.05
CA LEU E 199 0.99 -4.24 -25.09
C LEU E 199 0.29 -4.02 -26.43
N GLN E 200 0.95 -3.33 -27.35
CA GLN E 200 0.35 -3.09 -28.66
C GLN E 200 0.55 -4.34 -29.52
N SER E 201 -0.21 -4.43 -30.61
CA SER E 201 -0.14 -5.60 -31.51
C SER E 201 1.13 -5.55 -32.36
N SER E 202 1.92 -4.48 -32.20
CA SER E 202 3.26 -4.40 -32.78
C SER E 202 4.27 -5.13 -31.88
N GLY E 203 3.87 -5.49 -30.67
CA GLY E 203 4.78 -6.13 -29.71
C GLY E 203 5.52 -5.16 -28.81
N LEU E 204 5.33 -3.83 -28.99
CA LEU E 204 6.00 -2.82 -28.13
C LEU E 204 5.03 -2.36 -27.03
N TYR E 205 5.58 -1.80 -25.95
CA TYR E 205 4.74 -1.44 -24.83
C TYR E 205 4.45 0.06 -24.86
N SER E 206 3.48 0.51 -24.07
CA SER E 206 3.25 1.93 -23.91
C SER E 206 2.60 2.18 -22.56
N LEU E 207 3.04 3.21 -21.83
CA LEU E 207 2.37 3.57 -20.58
C LEU E 207 2.26 5.08 -20.49
N SER E 208 1.44 5.54 -19.56
CA SER E 208 1.34 6.98 -19.26
C SER E 208 1.55 7.22 -17.77
N SER E 209 2.15 8.36 -17.46
CA SER E 209 2.30 8.79 -16.10
C SER E 209 1.71 10.20 -16.01
N VAL E 210 0.75 10.38 -15.11
CA VAL E 210 0.01 11.64 -15.01
C VAL E 210 0.12 12.19 -13.56
N VAL E 211 0.18 13.51 -13.46
CA VAL E 211 0.18 14.20 -12.18
C VAL E 211 -0.80 15.39 -12.26
N THR E 212 -1.59 15.59 -11.20
CA THR E 212 -2.47 16.76 -11.09
C THR E 212 -1.73 17.85 -10.29
N VAL E 213 -1.73 19.06 -10.84
CA VAL E 213 -1.07 20.20 -10.23
C VAL E 213 -2.04 21.39 -10.22
N PRO E 214 -1.68 22.44 -9.46
CA PRO E 214 -2.43 23.70 -9.52
C PRO E 214 -2.22 24.37 -10.89
N SER E 215 -3.30 24.89 -11.48
CA SER E 215 -3.26 25.67 -12.73
C SER E 215 -2.44 26.96 -12.56
N SER E 216 -1.92 27.21 -11.35
CA SER E 216 -1.07 28.39 -11.09
C SER E 216 0.41 28.01 -11.23
N SER E 217 0.76 26.86 -10.66
CA SER E 217 2.07 26.21 -10.87
C SER E 217 2.52 26.31 -12.34
N LEU E 218 1.58 26.17 -13.26
CA LEU E 218 1.80 26.41 -14.69
C LEU E 218 2.44 27.80 -14.85
N GLY E 219 3.13 28.02 -15.96
CA GLY E 219 3.76 29.32 -16.19
C GLY E 219 4.84 29.69 -15.18
N THR E 220 4.95 29.03 -14.03
CA THR E 220 5.96 29.44 -13.01
C THR E 220 6.73 28.23 -12.46
N GLN E 221 6.15 27.03 -12.53
CA GLN E 221 6.83 25.84 -11.98
C GLN E 221 7.16 24.89 -13.14
N THR E 222 8.34 24.29 -13.09
CA THR E 222 8.77 23.38 -14.16
C THR E 222 8.29 21.97 -13.85
N TYR E 223 7.68 21.32 -14.84
CA TYR E 223 7.31 19.91 -14.69
C TYR E 223 8.10 19.08 -15.70
N ILE E 224 9.01 18.23 -15.21
CA ILE E 224 9.74 17.36 -16.13
C ILE E 224 9.60 15.88 -15.70
N CYS E 225 9.24 15.03 -16.66
CA CYS E 225 9.19 13.62 -16.30
C CYS E 225 10.50 12.94 -16.74
N ASN E 226 10.94 12.03 -15.91
CA ASN E 226 12.23 11.43 -16.10
C ASN E 226 12.00 9.95 -16.32
N VAL E 227 12.32 9.45 -17.50
CA VAL E 227 11.93 8.10 -17.83
C VAL E 227 13.18 7.22 -17.90
N ASN E 228 13.18 6.14 -17.14
CA ASN E 228 14.32 5.21 -17.10
C ASN E 228 13.93 3.87 -17.73
N HIS E 229 14.75 3.42 -18.66
CA HIS E 229 14.52 2.15 -19.32
C HIS E 229 15.85 1.37 -19.31
N LYS E 230 16.10 0.67 -18.19
CA LYS E 230 17.30 -0.15 -18.03
C LYS E 230 17.51 -1.10 -19.21
N PRO E 231 16.44 -1.79 -19.70
CA PRO E 231 16.61 -2.81 -20.73
C PRO E 231 17.36 -2.31 -21.98
N SER E 232 17.21 -1.04 -22.31
CA SER E 232 17.96 -0.49 -23.48
C SER E 232 18.97 0.56 -23.01
N ASN E 233 19.18 0.66 -21.69
CA ASN E 233 20.06 1.68 -21.10
C ASN E 233 19.72 3.08 -21.67
N THR E 234 18.43 3.44 -21.62
CA THR E 234 17.97 4.75 -22.09
C THR E 234 17.37 5.54 -20.92
N LYS E 235 17.79 6.79 -20.80
CA LYS E 235 17.09 7.72 -19.95
C LYS E 235 16.61 8.89 -20.81
N VAL E 236 15.37 9.32 -20.57
CA VAL E 236 14.78 10.44 -21.28
C VAL E 236 14.22 11.42 -20.25
N ASP E 237 14.59 12.70 -20.33
CA ASP E 237 13.87 13.72 -19.56
C ASP E 237 13.12 14.54 -20.54
N LYS E 238 11.86 14.79 -20.24
CA LYS E 238 11.06 15.61 -21.15
C LYS E 238 10.25 16.62 -20.31
N ARG E 239 10.41 17.90 -20.62
CA ARG E 239 9.65 18.91 -19.93
C ARG E 239 8.26 18.98 -20.55
N VAL E 240 7.22 19.01 -19.72
CA VAL E 240 5.88 19.18 -20.28
C VAL E 240 5.33 20.55 -19.88
N GLU E 241 4.96 21.35 -20.87
CA GLU E 241 4.54 22.74 -20.63
C GLU E 241 3.09 22.91 -21.10
N PRO E 242 2.42 23.97 -20.60
CA PRO E 242 1.12 24.35 -21.13
C PRO E 242 1.28 24.57 -22.64
N LYS E 243 0.41 23.98 -23.43
CA LYS E 243 0.61 24.06 -24.87
C LYS E 243 -0.55 24.84 -25.45
N SER E 244 -0.45 26.16 -25.39
CA SER E 244 -1.38 27.04 -26.13
C SER E 244 -0.62 27.91 -27.14
N CYS E 245 0.62 27.51 -27.40
CA CYS E 245 1.51 28.22 -28.32
C CYS E 245 1.02 28.04 -29.77
N VAL F 28 -2.29 -30.02 -14.92
CA VAL F 28 -3.05 -31.31 -14.78
C VAL F 28 -3.88 -31.26 -13.48
N LEU F 29 -3.85 -30.13 -12.77
CA LEU F 29 -4.83 -29.81 -11.72
C LEU F 29 -5.77 -28.72 -12.24
N THR F 30 -7.09 -28.89 -12.00
CA THR F 30 -8.11 -28.03 -12.54
C THR F 30 -8.78 -27.22 -11.43
N GLN F 31 -8.78 -25.89 -11.56
CA GLN F 31 -9.55 -25.03 -10.66
C GLN F 31 -10.36 -24.04 -11.49
N PRO F 32 -11.57 -23.73 -11.03
CA PRO F 32 -12.38 -22.64 -11.60
C PRO F 32 -11.53 -21.38 -11.72
N PRO F 33 -11.51 -20.77 -12.91
CA PRO F 33 -10.76 -19.55 -13.23
C PRO F 33 -11.09 -18.38 -12.29
N SER F 34 -12.35 -18.24 -11.90
CA SER F 34 -12.69 -17.15 -10.98
C SER F 34 -13.81 -17.55 -10.00
N ALA F 35 -13.81 -16.84 -8.88
CA ALA F 35 -14.78 -16.97 -7.82
C ALA F 35 -15.12 -15.57 -7.32
N SER F 36 -16.26 -15.48 -6.64
CA SER F 36 -16.82 -14.20 -6.23
C SER F 36 -17.59 -14.37 -4.92
N GLY F 37 -17.44 -13.40 -4.02
CA GLY F 37 -18.10 -13.43 -2.72
C GLY F 37 -18.22 -12.02 -2.14
N THR F 38 -19.27 -11.78 -1.37
CA THR F 38 -19.36 -10.50 -0.68
C THR F 38 -18.84 -10.71 0.74
N PRO F 39 -18.38 -9.62 1.39
CA PRO F 39 -17.65 -9.72 2.66
C PRO F 39 -18.43 -10.43 3.77
N GLY F 40 -17.80 -11.40 4.44
CA GLY F 40 -18.42 -12.06 5.58
C GLY F 40 -18.90 -13.46 5.26
N GLN F 41 -19.14 -13.76 3.97
CA GLN F 41 -19.63 -15.12 3.59
C GLN F 41 -18.47 -16.12 3.42
N ARG F 42 -18.84 -17.36 3.05
CA ARG F 42 -17.91 -18.50 2.88
C ARG F 42 -17.76 -18.80 1.38
N VAL F 43 -16.55 -18.74 0.88
CA VAL F 43 -16.32 -19.18 -0.50
C VAL F 43 -15.38 -20.39 -0.46
N THR F 44 -15.66 -21.34 -1.32
CA THR F 44 -14.78 -22.47 -1.36
C THR F 44 -14.23 -22.62 -2.77
N ILE F 45 -12.90 -22.54 -2.81
CA ILE F 45 -12.11 -22.73 -3.99
C ILE F 45 -11.79 -24.24 -4.17
N SER F 46 -12.07 -24.80 -5.36
CA SER F 46 -11.89 -26.26 -5.55
C SER F 46 -10.72 -26.58 -6.50
N CYS F 47 -10.14 -27.76 -6.28
CA CYS F 47 -8.98 -28.20 -7.02
C CYS F 47 -9.14 -29.69 -7.33
N SER F 48 -9.17 -30.03 -8.60
CA SER F 48 -9.46 -31.39 -9.02
C SER F 48 -8.24 -32.00 -9.73
N GLY F 49 -7.83 -33.20 -9.30
CA GLY F 49 -6.65 -33.84 -9.87
C GLY F 49 -6.89 -35.30 -10.26
N SER F 50 -5.88 -36.12 -9.99
CA SER F 50 -5.92 -37.55 -10.32
C SER F 50 -5.21 -38.33 -9.21
N SER F 51 -5.13 -39.63 -9.43
CA SER F 51 -4.52 -40.56 -8.47
C SER F 51 -3.02 -40.26 -8.29
N SER F 52 -2.33 -39.94 -9.40
CA SER F 52 -0.88 -39.75 -9.35
C SER F 52 -0.51 -38.44 -8.62
N ASN F 53 -1.44 -37.48 -8.51
CA ASN F 53 -1.13 -36.25 -7.78
C ASN F 53 -1.92 -36.18 -6.47
N ILE F 54 -3.11 -35.53 -6.47
CA ILE F 54 -3.90 -35.28 -5.24
C ILE F 54 -4.23 -36.61 -4.54
N GLY F 55 -4.54 -37.65 -5.32
CA GLY F 55 -4.93 -38.95 -4.76
C GLY F 55 -3.85 -39.59 -3.88
N THR F 56 -2.59 -39.22 -4.11
CA THR F 56 -1.44 -39.90 -3.50
C THR F 56 -0.55 -38.89 -2.77
N ASN F 57 -0.49 -37.68 -3.29
CA ASN F 57 0.43 -36.73 -2.77
C ASN F 57 -0.31 -35.71 -1.90
N THR F 58 0.50 -35.05 -1.08
CA THR F 58 0.11 -33.95 -0.20
C THR F 58 -0.25 -32.71 -1.05
N VAL F 59 -1.24 -31.95 -0.60
CA VAL F 59 -1.76 -30.81 -1.37
C VAL F 59 -1.40 -29.53 -0.63
N ASN F 60 -0.96 -28.52 -1.37
CA ASN F 60 -0.65 -27.21 -0.77
C ASN F 60 -1.51 -26.12 -1.42
N TRP F 61 -1.82 -25.08 -0.66
CA TRP F 61 -2.45 -23.87 -1.25
C TRP F 61 -1.53 -22.64 -1.11
N TYR F 62 -1.42 -21.88 -2.20
CA TYR F 62 -0.69 -20.60 -2.20
C TYR F 62 -1.63 -19.46 -2.57
N GLN F 63 -1.42 -18.33 -1.91
CA GLN F 63 -2.16 -17.08 -2.19
C GLN F 63 -1.19 -16.11 -2.86
N GLN F 64 -1.58 -15.57 -4.01
CA GLN F 64 -0.74 -14.57 -4.71
C GLN F 64 -1.50 -13.24 -4.91
N LEU F 65 -1.05 -12.19 -4.21
CA LEU F 65 -1.49 -10.79 -4.47
C LEU F 65 -0.72 -10.26 -5.68
N PRO F 66 -1.30 -9.28 -6.39
CA PRO F 66 -0.72 -8.78 -7.66
C PRO F 66 0.68 -8.18 -7.45
N GLY F 67 1.61 -8.48 -8.35
CA GLY F 67 2.96 -7.93 -8.27
C GLY F 67 3.86 -8.63 -7.24
N THR F 68 3.34 -9.55 -6.42
CA THR F 68 4.16 -10.17 -5.35
C THR F 68 4.32 -11.69 -5.55
N ALA F 69 5.27 -12.27 -4.83
CA ALA F 69 5.48 -13.72 -4.82
C ALA F 69 4.32 -14.43 -4.11
N PRO F 70 4.12 -15.73 -4.38
CA PRO F 70 3.07 -16.45 -3.64
C PRO F 70 3.37 -16.60 -2.14
N LYS F 71 2.33 -16.72 -1.35
CA LYS F 71 2.46 -16.97 0.07
C LYS F 71 1.72 -18.27 0.41
N LEU F 72 2.40 -19.14 1.16
CA LEU F 72 1.84 -20.43 1.57
C LEU F 72 0.65 -20.19 2.50
N LEU F 73 -0.51 -20.77 2.17
CA LEU F 73 -1.69 -20.71 3.05
C LEU F 73 -1.86 -22.04 3.78
N ILE F 74 -1.65 -23.13 3.06
CA ILE F 74 -1.97 -24.46 3.55
C ILE F 74 -0.91 -25.43 3.03
N TYR F 75 -0.43 -26.31 3.90
CA TYR F 75 0.47 -27.38 3.50
C TYR F 75 -0.04 -28.69 4.10
N ARG F 76 0.41 -29.81 3.51
CA ARG F 76 0.03 -31.14 3.97
C ARG F 76 -1.51 -31.26 4.03
N ASN F 77 -2.18 -30.74 3.00
CA ASN F 77 -3.61 -30.98 2.82
C ASN F 77 -4.45 -30.02 3.67
N TYR F 78 -4.11 -29.82 4.95
CA TYR F 78 -5.03 -29.07 5.83
C TYR F 78 -4.23 -28.25 6.86
N GLN F 79 -2.91 -28.34 6.89
CA GLN F 79 -2.16 -27.62 7.94
C GLN F 79 -1.98 -26.15 7.56
N ARG F 80 -1.94 -25.29 8.57
CA ARG F 80 -1.86 -23.84 8.43
C ARG F 80 -0.51 -23.39 9.02
N PRO F 81 0.30 -22.63 8.24
CA PRO F 81 1.58 -22.16 8.77
C PRO F 81 1.31 -21.15 9.90
N SER F 82 2.30 -20.95 10.76
CA SER F 82 2.19 -19.96 11.80
C SER F 82 1.86 -18.62 11.15
N GLY F 83 0.71 -18.04 11.48
CA GLY F 83 0.36 -16.68 11.06
C GLY F 83 -0.67 -16.64 9.94
N VAL F 84 -1.33 -17.75 9.66
CA VAL F 84 -2.40 -17.77 8.67
C VAL F 84 -3.73 -17.90 9.42
N PRO F 85 -4.63 -16.91 9.27
CA PRO F 85 -5.84 -16.89 10.10
C PRO F 85 -6.68 -18.17 9.97
N ASP F 86 -7.21 -18.58 11.11
CA ASP F 86 -8.15 -19.66 11.30
C ASP F 86 -9.19 -19.85 10.16
N ARG F 87 -9.55 -18.77 9.46
CA ARG F 87 -10.72 -18.76 8.54
C ARG F 87 -10.41 -19.51 7.23
N PHE F 88 -9.14 -19.69 6.93
CA PHE F 88 -8.71 -20.50 5.78
C PHE F 88 -8.64 -21.96 6.22
N SER F 89 -9.43 -22.84 5.60
CA SER F 89 -9.25 -24.26 5.93
C SER F 89 -9.11 -25.09 4.66
N GLY F 90 -8.21 -26.08 4.72
CA GLY F 90 -7.95 -26.93 3.57
C GLY F 90 -8.39 -28.34 3.87
N SER F 91 -8.90 -29.00 2.83
CA SER F 91 -9.36 -30.34 2.99
C SER F 91 -9.22 -31.08 1.66
N LYS F 92 -9.30 -32.39 1.74
CA LYS F 92 -9.02 -33.24 0.62
C LYS F 92 -9.84 -34.52 0.78
N SER F 93 -10.53 -34.91 -0.30
CA SER F 93 -11.08 -36.26 -0.37
C SER F 93 -10.80 -36.85 -1.76
N GLY F 94 -10.19 -38.04 -1.75
CA GLY F 94 -9.86 -38.77 -2.97
C GLY F 94 -8.97 -37.95 -3.87
N THR F 95 -9.52 -37.60 -5.03
CA THR F 95 -8.83 -36.93 -6.13
C THR F 95 -9.15 -35.42 -6.16
N SER F 96 -9.85 -34.90 -5.15
CA SER F 96 -10.09 -33.46 -5.19
C SER F 96 -9.86 -32.80 -3.83
N ALA F 97 -9.46 -31.54 -3.91
CA ALA F 97 -9.11 -30.78 -2.73
C ALA F 97 -9.88 -29.46 -2.81
N SER F 98 -10.00 -28.82 -1.64
CA SER F 98 -10.80 -27.61 -1.50
C SER F 98 -10.10 -26.67 -0.53
N LEU F 99 -10.16 -25.38 -0.85
CA LEU F 99 -9.87 -24.34 0.12
C LEU F 99 -11.18 -23.58 0.43
N ALA F 100 -11.51 -23.55 1.72
CA ALA F 100 -12.70 -22.88 2.23
C ALA F 100 -12.27 -21.60 2.95
N ILE F 101 -12.88 -20.49 2.54
CA ILE F 101 -12.61 -19.22 3.22
C ILE F 101 -13.92 -18.72 3.81
N SER F 102 -13.91 -18.53 5.12
CA SER F 102 -15.06 -17.96 5.82
C SER F 102 -14.65 -16.62 6.45
N GLY F 103 -15.65 -15.80 6.76
CA GLY F 103 -15.39 -14.42 7.14
C GLY F 103 -14.59 -13.72 6.05
N LEU F 104 -15.07 -13.88 4.83
CA LEU F 104 -14.51 -13.27 3.62
C LEU F 104 -14.22 -11.80 3.90
N ARG F 105 -12.99 -11.37 3.64
CA ARG F 105 -12.58 -9.96 3.76
C ARG F 105 -12.04 -9.46 2.42
N SER F 106 -12.08 -8.13 2.20
CA SER F 106 -11.57 -7.45 0.98
C SER F 106 -10.12 -7.84 0.70
N GLU F 107 -9.38 -8.02 1.79
CA GLU F 107 -7.94 -8.27 1.75
C GLU F 107 -7.67 -9.69 1.22
N ASP F 108 -8.67 -10.59 1.30
CA ASP F 108 -8.57 -11.93 0.69
C ASP F 108 -8.73 -11.92 -0.85
N GLU F 109 -9.00 -10.77 -1.45
CA GLU F 109 -9.04 -10.70 -2.92
C GLU F 109 -7.66 -11.04 -3.45
N ALA F 110 -7.54 -12.08 -4.29
CA ALA F 110 -6.19 -12.54 -4.74
C ALA F 110 -6.30 -13.76 -5.68
N ASP F 111 -5.15 -14.23 -6.16
CA ASP F 111 -5.09 -15.51 -6.92
C ASP F 111 -4.74 -16.67 -5.97
N TYR F 112 -5.49 -17.76 -6.08
CA TYR F 112 -5.27 -18.94 -5.20
C TYR F 112 -4.86 -20.13 -6.06
N TYR F 113 -3.76 -20.73 -5.67
CA TYR F 113 -3.23 -21.85 -6.43
C TYR F 113 -3.14 -23.07 -5.52
N CYS F 114 -3.71 -24.20 -5.96
CA CYS F 114 -3.35 -25.50 -5.35
C CYS F 114 -2.09 -26.03 -6.06
N ALA F 115 -1.25 -26.74 -5.32
CA ALA F 115 -0.09 -27.43 -5.90
C ALA F 115 0.03 -28.83 -5.26
N ALA F 116 0.75 -29.71 -5.96
CA ALA F 116 1.10 -31.03 -5.41
C ALA F 116 2.18 -31.67 -6.30
N TRP F 117 2.97 -32.58 -5.72
CA TRP F 117 3.78 -33.48 -6.52
C TRP F 117 2.89 -34.49 -7.27
N ASP F 118 3.35 -34.86 -8.45
CA ASP F 118 2.63 -35.73 -9.36
C ASP F 118 3.57 -36.89 -9.70
N ASP F 119 3.22 -38.10 -9.28
CA ASP F 119 4.05 -39.29 -9.58
C ASP F 119 3.68 -39.84 -10.92
N SER F 120 4.15 -39.16 -11.96
CA SER F 120 3.75 -39.35 -13.35
C SER F 120 4.66 -40.39 -14.04
N LEU F 121 4.35 -40.67 -15.31
CA LEU F 121 5.05 -41.67 -16.11
C LEU F 121 6.48 -41.20 -16.42
N SER F 122 6.67 -39.90 -16.69
CA SER F 122 8.01 -39.37 -16.95
C SER F 122 8.69 -38.94 -15.64
N GLY F 123 8.18 -39.43 -14.51
CA GLY F 123 8.81 -39.20 -13.23
C GLY F 123 8.11 -38.15 -12.39
N PRO F 124 8.65 -37.88 -11.21
CA PRO F 124 7.99 -36.97 -10.28
C PRO F 124 8.10 -35.48 -10.71
N HIS F 125 6.94 -34.82 -10.78
CA HIS F 125 6.81 -33.39 -11.15
C HIS F 125 5.95 -32.66 -10.11
N VAL F 126 6.22 -31.37 -9.92
CA VAL F 126 5.28 -30.51 -9.21
C VAL F 126 4.22 -30.04 -10.22
N VAL F 127 2.94 -30.20 -9.87
CA VAL F 127 1.87 -29.62 -10.69
C VAL F 127 1.16 -28.50 -9.91
N PHE F 128 0.74 -27.47 -10.65
CA PHE F 128 -0.04 -26.38 -10.08
C PHE F 128 -1.41 -26.37 -10.75
N GLY F 129 -2.45 -26.09 -9.99
CA GLY F 129 -3.70 -25.62 -10.58
C GLY F 129 -3.48 -24.33 -11.39
N GLY F 130 -4.39 -24.07 -12.33
CA GLY F 130 -4.33 -22.86 -13.15
C GLY F 130 -4.68 -21.58 -12.39
N GLY F 131 -5.13 -21.67 -11.14
CA GLY F 131 -5.35 -20.50 -10.30
C GLY F 131 -6.80 -20.02 -10.31
N THR F 132 -7.30 -19.61 -9.15
CA THR F 132 -8.63 -19.00 -9.02
C THR F 132 -8.51 -17.53 -8.58
N LYS F 133 -8.96 -16.63 -9.46
CA LYS F 133 -9.05 -15.21 -9.13
C LYS F 133 -10.31 -15.03 -8.26
N LEU F 134 -10.11 -14.73 -6.96
CA LEU F 134 -11.21 -14.49 -6.03
C LEU F 134 -11.45 -12.99 -5.89
N THR F 135 -12.56 -12.51 -6.45
CA THR F 135 -12.97 -11.11 -6.26
C THR F 135 -13.87 -11.00 -5.02
N VAL F 136 -13.65 -9.94 -4.25
CA VAL F 136 -14.48 -9.63 -3.08
C VAL F 136 -15.32 -8.37 -3.40
N LEU F 137 -16.61 -8.55 -3.69
CA LEU F 137 -17.50 -7.46 -4.04
C LEU F 137 -18.10 -6.90 -2.75
N GLY F 138 -17.35 -6.06 -2.03
CA GLY F 138 -17.78 -5.59 -0.72
C GLY F 138 -18.06 -4.10 -0.68
N GLN F 139 -17.06 -3.33 -1.13
CA GLN F 139 -16.97 -1.86 -1.08
C GLN F 139 -18.17 -1.20 -1.78
N PRO F 140 -18.44 0.08 -1.46
CA PRO F 140 -19.49 0.85 -2.12
C PRO F 140 -19.12 1.19 -3.59
N LYS F 141 -20.14 1.30 -4.44
CA LYS F 141 -19.97 1.58 -5.89
C LYS F 141 -19.44 2.99 -6.12
N ALA F 142 -18.37 3.14 -6.92
CA ALA F 142 -17.81 4.47 -7.26
C ALA F 142 -17.70 4.64 -8.78
N ALA F 143 -18.24 5.76 -9.27
CA ALA F 143 -18.18 6.15 -10.67
C ALA F 143 -16.72 6.53 -11.00
N PRO F 144 -16.31 6.35 -12.27
CA PRO F 144 -14.92 6.58 -12.69
C PRO F 144 -14.61 8.04 -13.06
N SER F 145 -13.41 8.52 -12.69
CA SER F 145 -12.89 9.76 -13.23
C SER F 145 -12.20 9.45 -14.55
N VAL F 146 -12.59 10.18 -15.59
CA VAL F 146 -11.95 10.06 -16.88
C VAL F 146 -11.25 11.37 -17.23
N THR F 147 -9.98 11.25 -17.58
CA THR F 147 -9.29 12.36 -18.20
C THR F 147 -8.75 11.87 -19.55
N LEU F 148 -8.96 12.67 -20.59
CA LEU F 148 -8.63 12.25 -21.96
C LEU F 148 -7.67 13.27 -22.58
N PHE F 149 -6.53 12.78 -23.08
CA PHE F 149 -5.59 13.66 -23.75
C PHE F 149 -5.58 13.43 -25.27
N PRO F 150 -5.47 14.53 -26.07
CA PRO F 150 -5.31 14.45 -27.53
C PRO F 150 -3.84 14.14 -27.89
N PRO F 151 -3.55 13.81 -29.17
CA PRO F 151 -2.15 13.69 -29.60
C PRO F 151 -1.39 14.98 -29.29
N SER F 152 -0.15 14.87 -28.84
CA SER F 152 0.73 16.04 -28.72
C SER F 152 1.12 16.46 -30.14
N SER F 153 1.50 17.72 -30.35
CA SER F 153 1.94 18.07 -31.70
C SER F 153 3.31 17.45 -31.97
N GLU F 154 4.05 17.18 -30.89
CA GLU F 154 5.30 16.42 -30.93
C GLU F 154 5.05 15.07 -31.61
N GLU F 155 4.06 14.32 -31.15
CA GLU F 155 3.79 13.02 -31.70
C GLU F 155 3.33 13.15 -33.16
N LEU F 156 2.48 14.13 -33.46
CA LEU F 156 2.00 14.34 -34.86
C LEU F 156 3.19 14.54 -35.82
N GLN F 157 4.20 15.30 -35.38
CA GLN F 157 5.41 15.55 -36.15
C GLN F 157 6.16 14.25 -36.44
N ALA F 158 5.94 13.22 -35.64
CA ALA F 158 6.55 11.92 -35.90
C ALA F 158 5.58 11.03 -36.71
N ASN F 159 4.51 11.61 -37.26
CA ASN F 159 3.49 10.88 -38.09
C ASN F 159 2.77 9.77 -37.30
N LYS F 160 2.57 9.98 -36.00
CA LYS F 160 1.81 9.03 -35.19
C LYS F 160 0.75 9.84 -34.43
N ALA F 161 -0.28 9.20 -33.91
CA ALA F 161 -1.23 9.91 -33.06
C ALA F 161 -1.84 8.94 -32.05
N THR F 162 -1.73 9.30 -30.77
CA THR F 162 -2.33 8.50 -29.73
C THR F 162 -3.27 9.39 -28.90
N LEU F 163 -4.45 8.86 -28.63
CA LEU F 163 -5.30 9.41 -27.61
C LEU F 163 -5.21 8.50 -26.39
N VAL F 164 -5.05 9.13 -25.24
CA VAL F 164 -4.81 8.44 -23.99
C VAL F 164 -5.99 8.76 -23.09
N CYS F 165 -6.74 7.71 -22.73
CA CYS F 165 -7.84 7.79 -21.80
C CYS F 165 -7.40 7.20 -20.47
N LEU F 166 -7.50 8.00 -19.44
CA LEU F 166 -7.06 7.59 -18.10
C LEU F 166 -8.28 7.51 -17.19
N ILE F 167 -8.59 6.27 -16.74
CA ILE F 167 -9.77 5.99 -15.90
C ILE F 167 -9.32 5.60 -14.50
N SER F 168 -9.87 6.25 -13.49
CA SER F 168 -9.44 5.93 -12.14
C SER F 168 -10.59 6.09 -11.15
N ASP F 169 -10.33 5.57 -9.95
CA ASP F 169 -11.21 5.70 -8.78
C ASP F 169 -12.62 5.16 -8.97
N PHE F 170 -12.69 3.98 -9.56
CA PHE F 170 -13.96 3.29 -9.82
C PHE F 170 -13.99 1.97 -9.05
N TYR F 171 -15.21 1.52 -8.74
CA TYR F 171 -15.43 0.25 -8.05
C TYR F 171 -16.85 -0.24 -8.33
N PRO F 172 -17.04 -1.53 -8.66
CA PRO F 172 -15.95 -2.52 -8.74
C PRO F 172 -15.11 -2.38 -10.03
N GLY F 173 -14.17 -3.32 -10.19
CA GLY F 173 -13.15 -3.25 -11.23
C GLY F 173 -13.68 -3.36 -12.65
N ALA F 174 -14.93 -3.79 -12.84
CA ALA F 174 -15.38 -4.07 -14.19
C ALA F 174 -15.89 -2.80 -14.88
N VAL F 175 -15.26 -2.46 -16.01
CA VAL F 175 -15.56 -1.28 -16.82
C VAL F 175 -15.55 -1.70 -18.29
N THR F 176 -16.29 -0.98 -19.11
CA THR F 176 -16.28 -1.19 -20.56
C THR F 176 -15.94 0.15 -21.22
N VAL F 177 -14.86 0.16 -21.99
CA VAL F 177 -14.42 1.37 -22.65
C VAL F 177 -14.78 1.28 -24.14
N ALA F 178 -15.36 2.32 -24.71
CA ALA F 178 -15.62 2.33 -26.15
C ALA F 178 -15.25 3.71 -26.71
N TRP F 179 -14.78 3.70 -27.95
CA TRP F 179 -14.27 4.88 -28.58
C TRP F 179 -15.22 5.29 -29.71
N LYS F 180 -15.50 6.58 -29.75
CA LYS F 180 -16.33 7.12 -30.82
C LYS F 180 -15.48 8.11 -31.62
N ALA F 181 -15.23 7.78 -32.89
CA ALA F 181 -14.70 8.77 -33.85
C ALA F 181 -15.88 9.56 -34.42
N ASP F 182 -16.03 10.81 -33.98
CA ASP F 182 -17.13 11.66 -34.41
C ASP F 182 -18.47 10.99 -34.13
N SER F 183 -18.62 10.41 -32.94
CA SER F 183 -19.91 9.83 -32.59
C SER F 183 -20.13 8.46 -33.27
N SER F 184 -19.09 7.85 -33.83
CA SER F 184 -19.24 6.55 -34.54
C SER F 184 -18.19 5.55 -34.03
N PRO F 185 -18.62 4.30 -33.77
CA PRO F 185 -17.73 3.33 -33.13
C PRO F 185 -16.40 3.14 -33.87
N VAL F 186 -15.31 3.05 -33.12
CA VAL F 186 -14.01 2.67 -33.66
C VAL F 186 -13.46 1.52 -32.81
N LYS F 187 -13.19 0.38 -33.45
CA LYS F 187 -12.76 -0.84 -32.76
C LYS F 187 -11.29 -1.15 -33.06
N ALA F 188 -10.85 -0.85 -34.29
CA ALA F 188 -9.45 -1.11 -34.65
C ALA F 188 -8.57 -0.04 -33.98
N GLY F 189 -7.42 -0.48 -33.45
CA GLY F 189 -6.41 0.44 -32.89
C GLY F 189 -6.59 0.71 -31.40
N VAL F 190 -7.61 0.11 -30.79
CA VAL F 190 -7.87 0.35 -29.38
C VAL F 190 -7.10 -0.66 -28.52
N GLU F 191 -6.43 -0.17 -27.49
CA GLU F 191 -5.76 -1.05 -26.55
C GLU F 191 -6.06 -0.55 -25.13
N THR F 192 -6.69 -1.41 -24.33
CA THR F 192 -7.18 -1.03 -23.00
C THR F 192 -6.60 -1.98 -21.98
N THR F 193 -6.03 -1.48 -20.88
CA THR F 193 -5.45 -2.37 -19.88
C THR F 193 -6.56 -2.93 -18.99
N THR F 194 -6.24 -4.05 -18.34
CA THR F 194 -7.10 -4.64 -17.34
C THR F 194 -7.13 -3.75 -16.11
N PRO F 195 -8.31 -3.59 -15.51
CA PRO F 195 -8.37 -2.75 -14.33
C PRO F 195 -7.53 -3.34 -13.18
N SER F 196 -6.76 -2.48 -12.53
CA SER F 196 -5.90 -2.93 -11.46
C SER F 196 -6.15 -2.07 -10.21
N LYS F 197 -6.08 -2.68 -9.03
CA LYS F 197 -6.30 -1.99 -7.77
C LYS F 197 -5.15 -1.02 -7.54
N GLN F 198 -5.46 0.20 -7.12
CA GLN F 198 -4.44 1.18 -6.74
C GLN F 198 -4.31 1.12 -5.22
N SER F 199 -3.55 2.05 -4.65
CA SER F 199 -3.35 2.07 -3.19
C SER F 199 -4.57 2.64 -2.45
N ASN F 200 -5.52 3.25 -3.19
CA ASN F 200 -6.77 3.80 -2.60
C ASN F 200 -7.88 2.72 -2.55
N ASN F 201 -7.52 1.46 -2.77
CA ASN F 201 -8.47 0.32 -2.82
C ASN F 201 -9.59 0.55 -3.85
N LYS F 202 -9.24 1.27 -4.93
CA LYS F 202 -10.15 1.52 -6.02
C LYS F 202 -9.57 0.86 -7.27
N TYR F 203 -9.91 1.36 -8.44
CA TYR F 203 -9.44 0.71 -9.66
C TYR F 203 -9.06 1.77 -10.69
N ALA F 204 -8.02 1.44 -11.45
CA ALA F 204 -7.53 2.29 -12.55
C ALA F 204 -7.43 1.45 -13.83
N ALA F 205 -7.67 2.07 -14.95
CA ALA F 205 -7.33 1.47 -16.20
C ALA F 205 -7.07 2.60 -17.19
N SER F 206 -6.34 2.28 -18.26
CA SER F 206 -6.05 3.25 -19.32
C SER F 206 -6.47 2.62 -20.63
N SER F 207 -6.80 3.45 -21.61
CA SER F 207 -7.18 2.96 -22.93
C SER F 207 -6.56 3.88 -23.98
N TYR F 208 -5.97 3.29 -25.01
CA TYR F 208 -5.22 4.05 -26.01
C TYR F 208 -5.88 3.82 -27.36
N LEU F 209 -6.14 4.91 -28.08
CA LEU F 209 -6.51 4.79 -29.47
C LEU F 209 -5.35 5.28 -30.35
N SER F 210 -4.79 4.37 -31.16
CA SER F 210 -3.81 4.74 -32.20
C SER F 210 -4.52 5.20 -33.48
N LEU F 211 -4.10 6.35 -33.99
CA LEU F 211 -4.59 6.89 -35.27
C LEU F 211 -3.43 7.32 -36.17
N THR F 212 -3.72 7.49 -37.45
CA THR F 212 -2.83 8.27 -38.30
C THR F 212 -3.14 9.75 -38.08
N PRO F 213 -2.15 10.62 -38.32
CA PRO F 213 -2.41 12.06 -38.28
C PRO F 213 -3.63 12.42 -39.15
N GLU F 214 -3.76 11.76 -40.30
CA GLU F 214 -4.86 11.97 -41.25
C GLU F 214 -6.21 11.69 -40.58
N GLN F 215 -6.30 10.52 -39.95
CA GLN F 215 -7.51 10.05 -39.25
C GLN F 215 -7.90 11.02 -38.13
N TRP F 216 -6.90 11.47 -37.38
CA TRP F 216 -7.12 12.39 -36.27
C TRP F 216 -7.70 13.71 -36.78
N LYS F 217 -7.13 14.24 -37.86
CA LYS F 217 -7.44 15.59 -38.33
C LYS F 217 -8.74 15.60 -39.16
N SER F 218 -9.20 14.43 -39.59
CA SER F 218 -10.33 14.34 -40.53
C SER F 218 -11.67 14.23 -39.81
N HIS F 219 -11.66 14.20 -38.47
CA HIS F 219 -12.90 14.13 -37.70
C HIS F 219 -13.06 15.39 -36.85
N ARG F 220 -14.24 15.64 -36.31
CA ARG F 220 -14.48 16.91 -35.62
C ARG F 220 -13.99 16.78 -34.17
N SER F 221 -14.08 15.55 -33.67
CA SER F 221 -13.79 15.21 -32.29
C SER F 221 -13.58 13.70 -32.19
N TYR F 222 -12.92 13.28 -31.10
CA TYR F 222 -12.95 11.88 -30.69
C TYR F 222 -13.42 11.81 -29.22
N SER F 223 -14.01 10.68 -28.85
CA SER F 223 -14.53 10.50 -27.49
C SER F 223 -14.09 9.15 -26.90
N CYS F 224 -13.76 9.20 -25.62
CA CYS F 224 -13.56 8.01 -24.78
C CYS F 224 -14.82 7.84 -23.93
N GLN F 225 -15.52 6.69 -24.05
CA GLN F 225 -16.74 6.38 -23.23
C GLN F 225 -16.50 5.18 -22.32
N VAL F 226 -16.73 5.38 -21.03
CA VAL F 226 -16.52 4.32 -20.07
C VAL F 226 -17.83 4.04 -19.34
N THR F 227 -18.37 2.86 -19.62
CA THR F 227 -19.53 2.35 -18.96
C THR F 227 -19.09 1.57 -17.72
N HIS F 228 -19.70 1.95 -16.60
CA HIS F 228 -19.46 1.31 -15.34
C HIS F 228 -20.81 1.07 -14.68
N GLU F 229 -21.08 -0.17 -14.31
CA GLU F 229 -22.30 -0.49 -13.56
C GLU F 229 -23.52 0.15 -14.25
N GLY F 230 -23.66 -0.03 -15.55
CA GLY F 230 -24.84 0.49 -16.26
C GLY F 230 -24.69 1.95 -16.69
N SER F 231 -24.02 2.80 -15.89
CA SER F 231 -23.82 4.26 -16.19
C SER F 231 -22.60 4.50 -17.10
N THR F 232 -22.74 5.51 -17.96
CA THR F 232 -21.70 5.94 -18.89
C THR F 232 -21.18 7.31 -18.49
N VAL F 233 -19.85 7.45 -18.51
CA VAL F 233 -19.20 8.75 -18.45
C VAL F 233 -18.28 8.88 -19.67
N GLU F 234 -18.32 10.08 -20.26
CA GLU F 234 -17.79 10.33 -21.58
C GLU F 234 -16.95 11.62 -21.55
N LYS F 235 -15.69 11.53 -22.00
CA LYS F 235 -14.87 12.73 -22.24
C LYS F 235 -14.63 12.84 -23.74
N THR F 236 -14.51 14.08 -24.23
CA THR F 236 -14.31 14.36 -25.68
C THR F 236 -13.13 15.32 -25.86
N VAL F 237 -12.40 15.17 -26.97
CA VAL F 237 -11.31 16.10 -27.39
C VAL F 237 -11.40 16.26 -28.91
N ALA F 238 -10.77 17.34 -29.42
CA ALA F 238 -10.88 17.77 -30.83
C ALA F 238 -9.56 18.39 -31.32
N PRO F 239 -9.26 18.28 -32.64
CA PRO F 239 -8.12 18.93 -33.34
C PRO F 239 -7.89 20.41 -33.00
N THR F 240 -6.64 20.78 -32.68
CA THR F 240 -6.31 22.06 -31.99
C THR F 240 -7.33 22.30 -30.86
#